data_3LTV
#
_entry.id   3LTV
#
_cell.length_a   127.480
_cell.length_b   127.480
_cell.length_c   102.494
_cell.angle_alpha   90.00
_cell.angle_beta   90.00
_cell.angle_gamma   120.00
#
_symmetry.space_group_name_H-M   'P 61'
#
loop_
_entity.id
_entity.type
_entity.pdbx_description
1 polymer 'Superoxide dismutase [Cu-Zn],Superoxide dismutase [Cu-Zn]'
2 non-polymer 'ZINC ION'
3 water water
#
_entity_poly.entity_id   1
_entity_poly.type   'polypeptide(L)'
_entity_poly.pdbx_seq_one_letter_code
;AMKAVCVLKGDGPVQGTIHFEQKASGEPVVLSGQITGLTEGQHGFHVHQYGDNTQGCTSAGPHFNPHSKKHGGPADEERH
VGDLGNVTADKDGVADVSIEDSVISLSGDHCIIGRTLVVHEKADDLGKGGNEESTKTGNAGSRLACGVIGIAQ
;
_entity_poly.pdbx_strand_id   A,B,C,D,E,F
#
loop_
_chem_comp.id
_chem_comp.type
_chem_comp.name
_chem_comp.formula
ZN non-polymer 'ZINC ION' 'Zn 2'
#
# COMPACT_ATOMS: atom_id res chain seq x y z
N ALA A 1 27.57 -17.33 20.86
CA ALA A 1 26.33 -18.06 20.59
C ALA A 1 25.10 -17.26 21.04
N MET A 2 24.06 -17.27 20.21
CA MET A 2 22.84 -16.54 20.49
C MET A 2 21.64 -17.48 20.60
N LYS A 3 20.77 -17.20 21.57
CA LYS A 3 19.55 -17.97 21.76
C LYS A 3 18.31 -17.08 21.92
N ALA A 4 17.18 -17.58 21.44
CA ALA A 4 15.95 -16.81 21.49
C ALA A 4 14.78 -17.75 21.66
N VAL A 5 13.69 -17.21 22.17
CA VAL A 5 12.51 -18.02 22.35
C VAL A 5 11.25 -17.22 22.09
N CYS A 6 10.20 -17.92 21.68
CA CYS A 6 8.93 -17.30 21.34
C CYS A 6 7.77 -18.18 21.79
N VAL A 7 6.92 -17.61 22.62
CA VAL A 7 5.71 -18.27 23.04
C VAL A 7 4.55 -17.78 22.16
N LEU A 8 3.96 -18.68 21.40
CA LEU A 8 2.88 -18.31 20.50
C LEU A 8 1.52 -18.52 21.19
N LYS A 9 0.79 -17.43 21.40
CA LYS A 9 -0.60 -17.51 21.84
C LYS A 9 -1.58 -16.93 20.80
N GLY A 10 -2.81 -17.41 20.78
CA GLY A 10 -3.80 -16.89 19.87
C GLY A 10 -5.12 -16.74 20.60
N ASP A 11 -6.13 -16.26 19.90
CA ASP A 11 -7.47 -16.20 20.48
C ASP A 11 -8.23 -17.50 20.30
N GLY A 12 -7.74 -18.36 19.41
CA GLY A 12 -8.37 -19.63 19.14
C GLY A 12 -7.64 -20.74 19.85
N PRO A 13 -7.70 -21.95 19.31
CA PRO A 13 -7.09 -23.11 19.96
C PRO A 13 -5.58 -23.26 19.73
N VAL A 14 -4.96 -22.40 18.94
CA VAL A 14 -3.55 -22.63 18.58
C VAL A 14 -2.61 -22.02 19.61
N GLN A 15 -1.63 -22.81 20.07
CA GLN A 15 -0.54 -22.29 20.89
C GLN A 15 0.75 -23.06 20.63
N GLY A 16 1.88 -22.48 21.02
CA GLY A 16 3.15 -23.13 20.79
C GLY A 16 4.36 -22.42 21.39
N THR A 17 5.48 -23.10 21.32
CA THR A 17 6.74 -22.55 21.79
C THR A 17 7.83 -22.86 20.79
N ILE A 18 8.55 -21.81 20.41
CA ILE A 18 9.60 -21.95 19.41
C ILE A 18 10.95 -21.48 19.95
N HIS A 19 11.96 -22.32 19.79
CA HIS A 19 13.32 -21.98 20.22
C HIS A 19 14.23 -21.68 19.05
N PHE A 20 15.06 -20.66 19.18
CA PHE A 20 15.96 -20.23 18.12
C PHE A 20 17.39 -20.36 18.58
N GLU A 21 18.26 -20.85 17.70
CA GLU A 21 19.68 -20.90 18.04
C GLU A 21 20.58 -20.51 16.85
N GLN A 22 21.53 -19.62 17.11
CA GLN A 22 22.52 -19.22 16.12
C GLN A 22 23.92 -19.33 16.77
N LYS A 23 24.85 -19.97 16.10
CA LYS A 23 26.15 -20.24 16.74
C LYS A 23 27.09 -19.03 16.71
N ALA A 24 27.03 -18.27 15.62
CA ALA A 24 27.76 -17.01 15.52
C ALA A 24 27.12 -16.12 14.45
N SER A 25 27.60 -14.88 14.35
CA SER A 25 27.00 -13.90 13.45
C SER A 25 26.79 -14.42 12.03
N GLY A 26 27.74 -15.21 11.55
CA GLY A 26 27.67 -15.65 10.16
C GLY A 26 26.69 -16.78 9.91
N GLU A 27 26.41 -17.56 10.95
CA GLU A 27 25.78 -18.86 10.78
C GLU A 27 24.25 -18.83 10.78
N PRO A 28 23.62 -19.86 10.21
CA PRO A 28 22.17 -20.03 10.17
C PRO A 28 21.50 -20.00 11.54
N VAL A 29 20.23 -19.63 11.57
CA VAL A 29 19.40 -19.80 12.75
C VAL A 29 18.70 -21.15 12.64
N VAL A 30 18.75 -21.92 13.73
CA VAL A 30 18.05 -23.20 13.80
C VAL A 30 16.83 -23.03 14.68
N LEU A 31 15.67 -23.41 14.15
CA LEU A 31 14.42 -23.34 14.89
C LEU A 31 13.84 -24.72 15.17
N SER A 32 13.41 -24.90 16.41
CA SER A 32 12.77 -26.14 16.82
C SER A 32 11.68 -25.72 17.77
N GLY A 33 10.83 -26.66 18.15
CA GLY A 33 9.70 -26.37 19.01
C GLY A 33 8.43 -27.05 18.51
N GLN A 34 7.30 -26.62 19.02
CA GLN A 34 6.07 -27.32 18.75
C GLN A 34 4.88 -26.42 18.85
N ILE A 35 3.92 -26.67 17.99
CA ILE A 35 2.67 -25.92 17.99
C ILE A 35 1.54 -26.93 17.94
N THR A 36 0.44 -26.63 18.59
CA THR A 36 -0.65 -27.57 18.73
C THR A 36 -1.95 -26.87 18.40
N GLY A 37 -3.02 -27.64 18.25
CA GLY A 37 -4.31 -27.08 17.92
C GLY A 37 -4.46 -26.61 16.49
N LEU A 38 -3.56 -27.04 15.59
CA LEU A 38 -3.68 -26.67 14.19
C LEU A 38 -4.55 -27.64 13.38
N THR A 39 -5.17 -27.14 12.31
CA THR A 39 -5.75 -28.05 11.35
C THR A 39 -4.58 -28.77 10.68
N GLU A 40 -4.79 -30.03 10.33
CA GLU A 40 -3.75 -30.85 9.72
C GLU A 40 -3.28 -30.26 8.38
N GLY A 41 -1.98 -30.34 8.14
CA GLY A 41 -1.36 -29.80 6.95
C GLY A 41 -0.47 -28.58 7.17
N GLN A 42 -0.22 -27.85 6.08
CA GLN A 42 0.72 -26.76 6.05
C GLN A 42 0.14 -25.43 6.47
N HIS A 43 0.98 -24.63 7.12
CA HIS A 43 0.59 -23.29 7.52
C HIS A 43 1.75 -22.34 7.29
N GLY A 44 1.45 -21.15 6.79
CA GLY A 44 2.44 -20.10 6.72
C GLY A 44 3.05 -19.87 8.10
N PHE A 45 4.34 -19.55 8.09
CA PHE A 45 5.11 -19.41 9.28
C PHE A 45 6.06 -18.22 8.99
N HIS A 46 5.75 -17.06 9.56
CA HIS A 46 6.45 -15.85 9.16
C HIS A 46 6.91 -15.01 10.33
N VAL A 47 8.00 -14.29 10.12
CA VAL A 47 8.41 -13.28 11.07
C VAL A 47 7.91 -11.97 10.51
N HIS A 48 7.02 -11.33 11.26
CA HIS A 48 6.47 -10.06 10.84
C HIS A 48 7.31 -8.94 11.46
N GLN A 49 7.18 -7.75 10.90
CA GLN A 49 8.08 -6.66 11.21
C GLN A 49 8.14 -6.17 12.67
N TYR A 50 6.99 -5.85 13.26
CA TYR A 50 6.96 -5.28 14.60
C TYR A 50 6.60 -6.26 15.70
N GLY A 51 7.25 -6.14 16.85
CA GLY A 51 6.89 -6.95 18.01
C GLY A 51 5.78 -6.29 18.82
N ASP A 52 4.73 -5.86 18.14
CA ASP A 52 3.68 -5.09 18.78
C ASP A 52 2.41 -5.93 18.78
N ASN A 53 1.98 -6.35 19.97
CA ASN A 53 0.78 -7.17 20.09
C ASN A 53 -0.35 -6.42 20.82
N THR A 54 -0.43 -5.11 20.60
CA THR A 54 -1.43 -4.29 21.24
C THR A 54 -2.83 -4.59 20.74
N GLN A 55 -2.97 -4.91 19.46
CA GLN A 55 -4.26 -5.40 18.97
C GLN A 55 -4.04 -6.77 18.38
N GLY A 56 -3.75 -7.73 19.24
CA GLY A 56 -3.52 -9.07 18.77
C GLY A 56 -2.36 -9.13 17.81
N CYS A 57 -2.37 -10.21 17.03
CA CYS A 57 -1.40 -10.46 16.00
C CYS A 57 -1.44 -9.45 14.86
N THR A 58 -2.52 -8.72 14.69
CA THR A 58 -2.59 -7.88 13.51
C THR A 58 -1.71 -6.65 13.65
N SER A 59 -1.45 -6.22 14.88
CA SER A 59 -0.62 -5.04 15.04
C SER A 59 0.87 -5.31 14.76
N ALA A 60 1.22 -6.56 14.46
CA ALA A 60 2.61 -6.94 14.14
C ALA A 60 3.08 -6.41 12.78
N GLY A 61 2.16 -5.92 11.94
CA GLY A 61 2.53 -5.40 10.66
C GLY A 61 2.68 -6.49 9.63
N PRO A 62 3.31 -6.17 8.50
CA PRO A 62 3.50 -7.13 7.42
C PRO A 62 4.77 -7.94 7.70
N HIS A 63 5.18 -8.80 6.78
CA HIS A 63 6.39 -9.60 6.95
C HIS A 63 7.61 -8.70 7.04
N PHE A 64 8.54 -9.04 7.93
CA PHE A 64 9.81 -8.35 8.08
C PHE A 64 10.51 -8.27 6.72
N ASN A 65 10.66 -7.07 6.20
CA ASN A 65 11.04 -6.86 4.81
C ASN A 65 11.98 -5.67 4.59
N PRO A 66 13.12 -5.64 5.30
CA PRO A 66 14.07 -4.52 5.21
C PRO A 66 14.45 -4.10 3.78
N HIS A 67 14.59 -5.07 2.87
CA HIS A 67 15.08 -4.82 1.52
C HIS A 67 13.97 -4.62 0.48
N SER A 68 12.72 -4.54 0.93
CA SER A 68 11.59 -4.24 0.05
C SER A 68 11.40 -5.20 -1.11
N LYS A 69 11.62 -6.48 -0.85
CA LYS A 69 11.39 -7.48 -1.87
C LYS A 69 9.93 -7.96 -1.80
N LYS A 70 9.50 -8.73 -2.79
CA LYS A 70 8.18 -9.35 -2.72
C LYS A 70 8.28 -10.69 -1.99
N HIS A 71 7.14 -11.20 -1.58
CA HIS A 71 7.08 -12.46 -0.85
C HIS A 71 7.58 -13.67 -1.66
N GLY A 72 8.22 -14.62 -0.98
CA GLY A 72 8.62 -15.87 -1.57
C GLY A 72 8.74 -16.95 -0.50
N GLY A 73 9.22 -18.12 -0.93
CA GLY A 73 9.61 -19.17 0.00
C GLY A 73 11.00 -18.91 0.55
N PRO A 74 11.38 -19.63 1.61
CA PRO A 74 12.72 -19.38 2.17
C PRO A 74 13.82 -19.66 1.14
N ALA A 75 13.57 -20.61 0.24
CA ALA A 75 14.54 -21.03 -0.77
C ALA A 75 14.51 -20.23 -2.08
N ASP A 76 13.43 -19.50 -2.31
CA ASP A 76 13.39 -18.53 -3.40
C ASP A 76 14.47 -17.42 -3.22
N GLU A 77 14.83 -16.81 -4.33
CA GLU A 77 15.85 -15.77 -4.31
C GLU A 77 15.28 -14.40 -3.96
N GLU A 78 14.10 -14.11 -4.49
CA GLU A 78 13.34 -12.97 -4.02
C GLU A 78 12.41 -13.45 -2.90
N ARG A 79 12.68 -13.00 -1.69
CA ARG A 79 11.82 -13.27 -0.54
C ARG A 79 11.99 -12.14 0.47
N HIS A 80 11.00 -11.99 1.34
CA HIS A 80 11.16 -11.17 2.53
C HIS A 80 12.13 -11.85 3.48
N VAL A 81 12.82 -11.07 4.30
CA VAL A 81 13.70 -11.69 5.31
C VAL A 81 12.87 -12.59 6.24
N GLY A 82 11.72 -12.11 6.66
CA GLY A 82 10.91 -12.89 7.58
C GLY A 82 10.21 -14.10 6.96
N ASP A 83 10.49 -14.40 5.67
CA ASP A 83 9.83 -15.51 4.97
C ASP A 83 10.34 -16.93 5.26
N LEU A 84 9.79 -17.58 6.30
CA LEU A 84 10.29 -18.88 6.71
C LEU A 84 9.58 -20.04 6.04
N GLY A 85 8.55 -19.76 5.26
CA GLY A 85 7.89 -20.80 4.51
C GLY A 85 6.70 -21.41 5.21
N ASN A 86 6.64 -22.74 5.18
CA ASN A 86 5.55 -23.46 5.78
C ASN A 86 5.98 -24.32 6.96
N VAL A 87 5.02 -24.52 7.85
CA VAL A 87 5.19 -25.43 8.96
C VAL A 87 4.07 -26.48 8.86
N THR A 88 4.37 -27.74 9.15
CA THR A 88 3.39 -28.79 8.86
C THR A 88 2.79 -29.47 10.10
N ALA A 89 1.48 -29.43 10.22
CA ALA A 89 0.77 -30.09 11.32
C ALA A 89 0.29 -31.49 10.93
N ASP A 90 0.47 -32.45 11.85
CA ASP A 90 0.00 -33.82 11.66
C ASP A 90 -1.51 -33.98 11.95
N LYS A 91 -2.01 -35.20 11.84
CA LYS A 91 -3.46 -35.45 11.95
C LYS A 91 -3.99 -35.01 13.31
N ASP A 92 -3.15 -35.03 14.34
CA ASP A 92 -3.54 -34.57 15.67
C ASP A 92 -3.40 -33.06 15.91
N GLY A 93 -2.97 -32.30 14.88
CA GLY A 93 -2.90 -30.86 14.96
C GLY A 93 -1.61 -30.37 15.59
N VAL A 94 -0.59 -31.22 15.55
CA VAL A 94 0.71 -30.89 16.08
C VAL A 94 1.73 -30.67 14.96
N ALA A 95 2.40 -29.52 14.98
CA ALA A 95 3.55 -29.28 14.12
C ALA A 95 4.85 -29.35 14.94
N ASP A 96 5.69 -30.34 14.64
CA ASP A 96 6.99 -30.42 15.31
C ASP A 96 8.00 -29.67 14.47
N VAL A 97 8.14 -28.38 14.75
CA VAL A 97 8.85 -27.49 13.87
C VAL A 97 10.36 -27.79 13.91
N SER A 98 10.97 -27.82 12.73
CA SER A 98 12.41 -27.92 12.60
C SER A 98 12.79 -27.14 11.36
N ILE A 99 13.55 -26.06 11.52
CA ILE A 99 13.87 -25.24 10.37
C ILE A 99 15.25 -24.63 10.50
N GLU A 100 15.95 -24.53 9.38
CA GLU A 100 17.25 -23.88 9.35
C GLU A 100 17.16 -22.79 8.33
N ASP A 101 17.49 -21.57 8.73
CA ASP A 101 17.43 -20.47 7.81
C ASP A 101 18.66 -19.61 7.98
N SER A 102 19.18 -19.12 6.86
CA SER A 102 20.44 -18.41 6.85
C SER A 102 20.20 -16.96 6.48
N VAL A 103 18.95 -16.56 6.31
CA VAL A 103 18.65 -15.17 6.02
C VAL A 103 18.24 -14.39 7.30
N ILE A 104 17.40 -14.98 8.13
CA ILE A 104 17.14 -14.35 9.41
C ILE A 104 18.41 -14.38 10.23
N SER A 105 18.39 -13.70 11.36
CA SER A 105 19.52 -13.67 12.25
C SER A 105 19.10 -13.23 13.63
N LEU A 106 19.89 -13.56 14.63
CA LEU A 106 19.61 -13.11 15.99
C LEU A 106 20.42 -11.85 16.33
N SER A 107 21.15 -11.33 15.35
CA SER A 107 21.75 -10.01 15.51
C SER A 107 21.85 -9.32 14.14
N GLY A 108 22.18 -8.03 14.17
CA GLY A 108 22.46 -7.32 12.93
C GLY A 108 21.24 -6.78 12.21
N ASP A 109 21.41 -6.53 10.91
CA ASP A 109 20.35 -5.96 10.08
C ASP A 109 19.18 -6.91 9.88
N HIS A 110 19.44 -8.21 10.00
CA HIS A 110 18.40 -9.21 9.82
C HIS A 110 17.95 -9.75 11.18
N CYS A 111 18.27 -9.01 12.23
CA CYS A 111 17.93 -9.43 13.58
C CYS A 111 16.41 -9.50 13.73
N ILE A 112 15.90 -10.60 14.28
CA ILE A 112 14.47 -10.79 14.47
C ILE A 112 14.09 -10.76 15.93
N ILE A 113 15.05 -10.46 16.79
CA ILE A 113 14.73 -10.29 18.20
C ILE A 113 13.89 -9.04 18.38
N GLY A 114 12.79 -9.17 19.13
CA GLY A 114 11.92 -8.04 19.36
C GLY A 114 10.87 -7.90 18.26
N ARG A 115 10.85 -8.86 17.35
CA ARG A 115 9.82 -8.90 16.32
C ARG A 115 8.86 -10.07 16.61
N THR A 116 7.82 -10.18 15.81
CA THR A 116 6.74 -11.13 16.06
C THR A 116 6.78 -12.34 15.13
N LEU A 117 6.71 -13.53 15.72
CA LEU A 117 6.56 -14.73 14.93
C LEU A 117 5.07 -15.05 14.86
N VAL A 118 4.57 -15.30 13.65
CA VAL A 118 3.17 -15.61 13.45
C VAL A 118 2.99 -16.96 12.74
N VAL A 119 2.08 -17.79 13.25
CA VAL A 119 1.66 -18.97 12.51
C VAL A 119 0.29 -18.70 11.86
N HIS A 120 0.19 -18.92 10.55
CA HIS A 120 -0.96 -18.49 9.77
C HIS A 120 -1.99 -19.59 9.54
N GLU A 121 -3.19 -19.18 9.17
CA GLU A 121 -4.33 -20.08 8.98
C GLU A 121 -4.22 -21.01 7.78
N LYS A 122 -3.58 -20.57 6.70
CA LYS A 122 -3.50 -21.41 5.52
C LYS A 122 -2.08 -21.66 5.11
N ALA A 123 -1.93 -22.51 4.10
CA ALA A 123 -0.62 -22.76 3.51
C ALA A 123 -0.09 -21.52 2.77
N ASP A 124 1.21 -21.28 2.90
CA ASP A 124 1.92 -20.25 2.17
C ASP A 124 2.17 -20.73 0.72
N ASP A 125 1.66 -19.98 -0.26
CA ASP A 125 1.85 -20.35 -1.68
C ASP A 125 3.26 -19.97 -2.18
N LEU A 126 4.07 -19.40 -1.29
CA LEU A 126 5.48 -19.12 -1.58
C LEU A 126 5.65 -18.06 -2.65
N GLY A 127 4.62 -17.21 -2.79
CA GLY A 127 4.69 -16.01 -3.59
C GLY A 127 4.39 -16.26 -5.06
N LYS A 128 3.82 -17.42 -5.35
CA LYS A 128 3.64 -17.90 -6.72
C LYS A 128 2.18 -18.08 -7.10
N GLY A 129 1.28 -17.36 -6.43
CA GLY A 129 -0.16 -17.51 -6.64
C GLY A 129 -0.70 -16.59 -7.73
N GLY A 130 0.15 -15.69 -8.22
CA GLY A 130 -0.22 -14.84 -9.32
C GLY A 130 -1.27 -13.79 -9.00
N ASN A 131 -1.60 -13.61 -7.72
CA ASN A 131 -2.45 -12.50 -7.31
C ASN A 131 -1.71 -11.53 -6.42
N GLU A 132 -2.33 -10.38 -6.15
CA GLU A 132 -1.72 -9.35 -5.31
C GLU A 132 -1.28 -9.95 -3.97
N GLU A 133 -2.24 -10.59 -3.31
CA GLU A 133 -2.03 -11.19 -2.02
C GLU A 133 -0.83 -12.13 -1.96
N SER A 134 -0.68 -13.01 -2.96
CA SER A 134 0.46 -13.92 -2.98
C SER A 134 1.75 -13.16 -2.78
N THR A 135 1.84 -12.06 -3.50
CA THR A 135 3.01 -11.20 -3.53
C THR A 135 3.37 -10.57 -2.17
N LYS A 136 2.43 -10.56 -1.24
CA LYS A 136 2.63 -9.92 0.05
C LYS A 136 2.73 -10.90 1.20
N THR A 137 1.83 -11.87 1.19
CA THR A 137 1.67 -12.73 2.34
C THR A 137 1.55 -14.21 1.98
N GLY A 138 1.67 -14.50 0.69
CA GLY A 138 1.59 -15.88 0.22
C GLY A 138 0.20 -16.51 0.27
N ASN A 139 -0.85 -15.68 0.37
CA ASN A 139 -2.21 -16.17 0.62
C ASN A 139 -2.29 -17.10 1.83
N ALA A 140 -1.52 -16.79 2.87
CA ALA A 140 -1.52 -17.57 4.11
C ALA A 140 -2.72 -17.31 5.03
N GLY A 141 -3.51 -16.29 4.74
CA GLY A 141 -4.68 -16.04 5.55
C GLY A 141 -4.38 -15.51 6.95
N SER A 142 -5.36 -15.73 7.82
CA SER A 142 -5.40 -15.05 9.10
C SER A 142 -4.29 -15.50 10.04
N ARG A 143 -4.06 -14.70 11.09
CA ARG A 143 -2.97 -14.93 12.01
C ARG A 143 -3.50 -15.71 13.19
N LEU A 144 -3.06 -16.95 13.28
CA LEU A 144 -3.63 -17.91 14.19
C LEU A 144 -3.05 -17.74 15.60
N ALA A 145 -1.76 -17.47 15.70
CA ALA A 145 -1.12 -17.26 16.99
C ALA A 145 0.17 -16.50 16.78
N CYS A 146 0.62 -15.77 17.80
CA CYS A 146 1.85 -15.02 17.67
C CYS A 146 2.52 -14.72 19.00
N GLY A 147 3.79 -14.34 18.92
CA GLY A 147 4.54 -13.94 20.09
C GLY A 147 5.74 -13.11 19.70
N VAL A 148 6.18 -12.26 20.62
CA VAL A 148 7.40 -11.51 20.39
C VAL A 148 8.60 -12.42 20.62
N ILE A 149 9.55 -12.38 19.71
CA ILE A 149 10.76 -13.19 19.87
C ILE A 149 11.68 -12.52 20.88
N GLY A 150 12.14 -13.28 21.87
CA GLY A 150 12.86 -12.71 23.00
C GLY A 150 14.19 -13.40 23.24
N ILE A 151 15.10 -12.70 23.92
CA ILE A 151 16.42 -13.24 24.22
C ILE A 151 16.28 -14.36 25.27
N ALA A 152 16.93 -15.48 25.00
CA ALA A 152 16.87 -16.61 25.93
C ALA A 152 18.25 -16.94 26.50
N GLN A 153 18.26 -17.61 27.65
CA GLN A 153 19.50 -18.06 28.26
C GLN A 153 20.10 -19.26 27.53
N ALA B 1 14.92 7.70 15.20
CA ALA B 1 14.21 7.50 16.45
C ALA B 1 13.88 6.03 16.59
N MET B 2 13.84 5.55 17.83
CA MET B 2 13.46 4.19 18.10
C MET B 2 12.16 4.18 18.90
N LYS B 3 11.27 3.24 18.60
CA LYS B 3 10.11 3.01 19.45
C LYS B 3 10.07 1.56 19.82
N ALA B 4 9.42 1.27 20.94
CA ALA B 4 9.22 -0.09 21.39
C ALA B 4 7.87 -0.17 22.08
N VAL B 5 7.35 -1.37 22.27
CA VAL B 5 6.10 -1.52 22.99
C VAL B 5 6.09 -2.84 23.74
N CYS B 6 5.33 -2.90 24.83
CA CYS B 6 5.22 -4.12 25.60
C CYS B 6 3.79 -4.29 26.07
N VAL B 7 3.23 -5.48 25.84
CA VAL B 7 1.93 -5.82 26.39
C VAL B 7 2.14 -6.69 27.62
N LEU B 8 1.74 -6.22 28.79
CA LEU B 8 1.92 -7.06 29.96
C LEU B 8 0.66 -7.83 30.32
N LYS B 9 0.81 -9.11 30.62
CA LYS B 9 -0.23 -9.89 31.27
C LYS B 9 0.36 -10.98 32.15
N GLY B 10 -0.44 -11.50 33.08
CA GLY B 10 0.03 -12.55 33.95
C GLY B 10 -1.02 -13.59 34.27
N ASP B 11 -0.89 -14.25 35.42
CA ASP B 11 -1.82 -15.30 35.83
C ASP B 11 -3.15 -14.76 36.37
N GLY B 12 -3.13 -13.52 36.85
CA GLY B 12 -4.34 -12.88 37.35
C GLY B 12 -4.86 -11.77 36.47
N PRO B 13 -5.47 -10.75 37.09
CA PRO B 13 -6.19 -9.65 36.45
C PRO B 13 -5.34 -8.46 36.03
N VAL B 14 -4.04 -8.47 36.33
CA VAL B 14 -3.19 -7.36 35.94
C VAL B 14 -2.86 -7.41 34.45
N GLN B 15 -3.09 -6.31 33.76
CA GLN B 15 -2.74 -6.23 32.34
C GLN B 15 -2.48 -4.77 31.94
N GLY B 16 -1.66 -4.57 30.92
CA GLY B 16 -1.43 -3.23 30.44
C GLY B 16 -0.52 -3.13 29.24
N THR B 17 -0.32 -1.89 28.77
CA THR B 17 0.52 -1.61 27.61
C THR B 17 1.47 -0.46 27.91
N ILE B 18 2.75 -0.69 27.63
CA ILE B 18 3.79 0.29 27.88
C ILE B 18 4.49 0.60 26.58
N HIS B 19 4.55 1.89 26.23
CA HIS B 19 5.28 2.37 25.06
C HIS B 19 6.59 3.02 25.46
N PHE B 20 7.63 2.77 24.68
CA PHE B 20 8.96 3.31 24.91
C PHE B 20 9.31 4.18 23.73
N GLU B 21 9.88 5.36 23.97
CA GLU B 21 10.31 6.19 22.85
C GLU B 21 11.72 6.73 23.10
N GLN B 22 12.55 6.68 22.07
CA GLN B 22 13.91 7.16 22.24
C GLN B 22 14.37 7.92 21.00
N LYS B 23 14.39 9.24 21.10
CA LYS B 23 14.64 10.10 19.94
C LYS B 23 15.97 9.79 19.24
N ALA B 24 17.02 9.50 20.00
CA ALA B 24 18.32 9.15 19.41
C ALA B 24 19.11 8.23 20.33
N SER B 25 20.21 7.71 19.82
CA SER B 25 21.11 6.84 20.59
C SER B 25 21.41 7.31 22.01
N GLY B 26 21.83 8.56 22.15
CA GLY B 26 22.22 9.11 23.44
C GLY B 26 21.13 9.87 24.18
N GLU B 27 19.88 9.69 23.78
CA GLU B 27 18.79 10.31 24.50
C GLU B 27 18.23 9.34 25.54
N PRO B 28 17.50 9.88 26.52
CA PRO B 28 16.75 9.08 27.48
C PRO B 28 15.58 8.35 26.80
N VAL B 29 15.18 7.23 27.39
CA VAL B 29 13.99 6.51 26.96
C VAL B 29 12.78 7.02 27.75
N VAL B 30 11.73 7.39 27.04
CA VAL B 30 10.45 7.71 27.68
C VAL B 30 9.44 6.56 27.62
N LEU B 31 9.02 6.06 28.79
CA LEU B 31 7.93 5.10 28.89
C LEU B 31 6.60 5.80 29.13
N SER B 32 5.55 5.31 28.49
CA SER B 32 4.21 5.79 28.83
C SER B 32 3.18 4.70 28.57
N GLY B 33 2.11 4.69 29.36
CA GLY B 33 1.04 3.75 29.18
C GLY B 33 0.19 3.65 30.40
N GLN B 34 -0.47 2.50 30.53
CA GLN B 34 -1.43 2.28 31.60
C GLN B 34 -1.39 0.80 31.96
N ILE B 35 -1.60 0.51 33.23
CA ILE B 35 -1.70 -0.87 33.74
C ILE B 35 -2.95 -0.89 34.60
N THR B 36 -3.79 -1.91 34.43
CA THR B 36 -5.01 -1.98 35.21
C THR B 36 -5.06 -3.28 35.97
N GLY B 37 -5.89 -3.33 37.00
CA GLY B 37 -6.04 -4.54 37.79
C GLY B 37 -5.09 -4.60 38.96
N LEU B 38 -4.45 -3.49 39.29
CA LEU B 38 -3.49 -3.50 40.39
C LEU B 38 -4.17 -3.18 41.72
N THR B 39 -3.61 -3.68 42.82
CA THR B 39 -3.92 -3.11 44.13
C THR B 39 -3.47 -1.66 44.19
N GLU B 40 -4.25 -0.84 44.90
CA GLU B 40 -3.91 0.58 45.10
C GLU B 40 -2.54 0.75 45.74
N GLY B 41 -1.75 1.71 45.25
CA GLY B 41 -0.41 1.93 45.79
C GLY B 41 0.72 1.65 44.82
N GLN B 42 1.92 1.43 45.34
CA GLN B 42 3.10 1.36 44.50
C GLN B 42 3.52 -0.06 44.22
N HIS B 43 3.96 -0.32 42.99
CA HIS B 43 4.48 -1.65 42.65
C HIS B 43 5.82 -1.56 41.91
N GLY B 44 6.74 -2.44 42.24
CA GLY B 44 7.99 -2.54 41.51
C GLY B 44 7.73 -2.69 40.03
N PHE B 45 8.68 -2.23 39.23
CA PHE B 45 8.58 -2.11 37.79
C PHE B 45 10.01 -2.26 37.21
N HIS B 46 10.34 -3.44 36.66
CA HIS B 46 11.71 -3.74 36.27
C HIS B 46 11.80 -4.36 34.87
N VAL B 47 12.90 -4.06 34.17
CA VAL B 47 13.29 -4.85 33.01
C VAL B 47 14.11 -6.03 33.52
N HIS B 48 13.59 -7.24 33.30
CA HIS B 48 14.28 -8.45 33.67
C HIS B 48 15.10 -8.97 32.49
N GLN B 49 16.01 -9.88 32.75
CA GLN B 49 17.05 -10.19 31.80
C GLN B 49 16.60 -10.89 30.50
N TYR B 50 15.71 -11.88 30.61
CA TYR B 50 15.35 -12.66 29.42
C TYR B 50 13.97 -12.33 28.86
N GLY B 51 13.84 -12.39 27.55
CA GLY B 51 12.52 -12.31 26.93
C GLY B 51 11.96 -13.72 26.80
N ASP B 52 11.97 -14.45 27.90
CA ASP B 52 11.56 -15.85 27.91
C ASP B 52 10.38 -16.03 28.85
N ASN B 53 9.19 -16.21 28.29
CA ASN B 53 8.05 -16.39 29.17
C ASN B 53 7.44 -17.81 29.05
N THR B 54 8.28 -18.78 28.64
CA THR B 54 7.87 -20.18 28.58
C THR B 54 7.32 -20.72 29.90
N GLN B 55 7.70 -20.09 31.00
CA GLN B 55 7.14 -20.47 32.30
C GLN B 55 6.44 -19.26 32.88
N GLY B 56 5.71 -18.56 32.03
CA GLY B 56 5.12 -17.31 32.45
C GLY B 56 6.28 -16.47 32.93
N CYS B 57 6.00 -15.59 33.88
CA CYS B 57 6.93 -14.52 34.23
C CYS B 57 8.25 -14.99 34.86
N THR B 58 8.20 -16.14 35.52
CA THR B 58 9.36 -16.63 36.25
C THR B 58 10.56 -16.93 35.34
N SER B 59 10.31 -17.22 34.06
CA SER B 59 11.40 -17.56 33.15
C SER B 59 12.16 -16.36 32.61
N ALA B 60 11.70 -15.15 32.98
CA ALA B 60 12.34 -13.90 32.56
C ALA B 60 13.71 -13.67 33.23
N GLY B 61 14.03 -14.48 34.23
CA GLY B 61 15.28 -14.34 34.96
C GLY B 61 15.29 -13.18 35.96
N PRO B 62 16.50 -12.74 36.30
CA PRO B 62 16.70 -11.67 37.29
C PRO B 62 16.51 -10.31 36.65
N HIS B 63 16.55 -9.24 37.43
CA HIS B 63 16.65 -7.90 36.85
C HIS B 63 17.80 -7.79 35.85
N PHE B 64 17.62 -7.03 34.78
CA PHE B 64 18.63 -6.91 33.77
C PHE B 64 19.86 -6.17 34.34
N ASN B 65 21.00 -6.86 34.39
CA ASN B 65 22.14 -6.42 35.17
C ASN B 65 23.51 -6.72 34.53
N PRO B 66 23.79 -6.11 33.35
CA PRO B 66 25.02 -6.27 32.57
C PRO B 66 26.30 -6.05 33.40
N HIS B 67 26.27 -5.14 34.37
CA HIS B 67 27.49 -4.76 35.07
C HIS B 67 27.62 -5.41 36.45
N SER B 68 26.75 -6.37 36.74
CA SER B 68 26.83 -7.10 38.01
C SER B 68 26.78 -6.20 39.24
N LYS B 69 26.09 -5.07 39.12
CA LYS B 69 25.92 -4.19 40.28
C LYS B 69 24.79 -4.65 41.20
N LYS B 70 24.57 -3.88 42.26
CA LYS B 70 23.47 -4.13 43.19
C LYS B 70 22.18 -3.40 42.78
N HIS B 71 21.07 -3.95 43.24
CA HIS B 71 19.76 -3.31 43.05
C HIS B 71 19.68 -1.94 43.74
N GLY B 72 19.15 -0.95 43.03
CA GLY B 72 18.94 0.37 43.57
C GLY B 72 17.75 1.04 42.92
N GLY B 73 17.50 2.29 43.28
CA GLY B 73 16.43 3.03 42.64
C GLY B 73 16.93 3.61 41.34
N PRO B 74 16.00 4.10 40.51
CA PRO B 74 16.37 4.65 39.20
C PRO B 74 17.37 5.80 39.32
N ALA B 75 17.32 6.54 40.43
CA ALA B 75 18.20 7.71 40.59
C ALA B 75 19.57 7.38 41.22
N ASP B 76 19.76 6.13 41.61
CA ASP B 76 21.03 5.69 42.15
C ASP B 76 22.00 5.40 41.00
N GLU B 77 23.29 5.55 41.28
CA GLU B 77 24.32 5.15 40.34
C GLU B 77 24.52 3.64 40.48
N GLU B 78 24.37 3.16 41.70
CA GLU B 78 24.42 1.74 41.98
C GLU B 78 23.02 1.16 41.78
N ARG B 79 22.74 0.67 40.58
CA ARG B 79 21.46 0.04 40.25
C ARG B 79 21.68 -0.97 39.17
N HIS B 80 20.80 -1.95 39.08
CA HIS B 80 20.77 -2.81 37.90
C HIS B 80 20.32 -1.90 36.75
N VAL B 81 20.74 -2.21 35.53
CA VAL B 81 20.23 -1.42 34.40
C VAL B 81 18.69 -1.48 34.34
N GLY B 82 18.12 -2.61 34.74
CA GLY B 82 16.67 -2.81 34.68
C GLY B 82 15.85 -2.10 35.75
N ASP B 83 16.51 -1.44 36.71
CA ASP B 83 15.83 -0.84 37.87
C ASP B 83 15.06 0.44 37.54
N LEU B 84 13.76 0.31 37.31
CA LEU B 84 12.99 1.49 36.92
C LEU B 84 12.13 2.06 38.05
N GLY B 85 12.30 1.51 39.25
CA GLY B 85 11.62 2.04 40.42
C GLY B 85 10.19 1.56 40.61
N ASN B 86 9.31 2.51 40.88
CA ASN B 86 7.93 2.16 41.15
C ASN B 86 6.92 2.76 40.19
N VAL B 87 5.76 2.14 40.19
CA VAL B 87 4.67 2.51 39.36
C VAL B 87 3.51 2.60 40.34
N THR B 88 2.56 3.48 40.08
CA THR B 88 1.55 3.84 41.08
C THR B 88 0.09 3.67 40.62
N ALA B 89 -0.60 2.77 41.30
CA ALA B 89 -2.02 2.50 41.01
C ALA B 89 -2.95 3.34 41.88
N ASP B 90 -4.01 3.87 41.29
CA ASP B 90 -5.02 4.60 42.06
C ASP B 90 -6.00 3.69 42.81
N LYS B 91 -7.03 4.30 43.39
CA LYS B 91 -8.03 3.55 44.14
C LYS B 91 -8.79 2.53 43.29
N ASP B 92 -8.97 2.86 42.01
CA ASP B 92 -9.63 1.96 41.06
C ASP B 92 -8.63 0.97 40.45
N GLY B 93 -7.41 0.92 40.97
CA GLY B 93 -6.41 -0.01 40.49
C GLY B 93 -5.71 0.34 39.19
N VAL B 94 -5.83 1.59 38.75
CA VAL B 94 -5.23 2.01 37.51
C VAL B 94 -3.90 2.74 37.75
N ALA B 95 -2.89 2.34 37.01
CA ALA B 95 -1.59 2.97 37.07
C ALA B 95 -1.26 3.54 35.71
N ASP B 96 -1.45 4.86 35.58
CA ASP B 96 -0.84 5.62 34.51
C ASP B 96 0.66 5.62 34.72
N VAL B 97 1.41 5.44 33.64
CA VAL B 97 2.85 5.39 33.74
C VAL B 97 3.46 6.46 32.89
N SER B 98 4.44 7.15 33.46
CA SER B 98 5.16 8.15 32.70
C SER B 98 6.52 8.35 33.34
N ILE B 99 7.55 7.83 32.66
CA ILE B 99 8.87 7.69 33.23
C ILE B 99 9.92 8.05 32.20
N GLU B 100 10.99 8.67 32.66
CA GLU B 100 12.12 8.94 31.79
C GLU B 100 13.31 8.25 32.39
N ASP B 101 14.12 7.62 31.57
CA ASP B 101 15.29 6.92 32.09
C ASP B 101 16.42 6.98 31.11
N SER B 102 17.62 7.20 31.61
CA SER B 102 18.75 7.41 30.75
C SER B 102 19.73 6.27 30.83
N VAL B 103 19.43 5.28 31.66
CA VAL B 103 20.30 4.12 31.80
C VAL B 103 19.88 2.95 30.88
N ILE B 104 18.58 2.67 30.77
CA ILE B 104 18.10 1.70 29.78
C ILE B 104 18.22 2.33 28.39
N SER B 105 18.19 1.48 27.37
CA SER B 105 18.24 1.98 26.00
C SER B 105 17.48 1.08 25.04
N LEU B 106 17.13 1.58 23.86
CA LEU B 106 16.53 0.73 22.82
C LEU B 106 17.55 0.27 21.78
N SER B 107 18.83 0.51 22.06
CA SER B 107 19.91 -0.02 21.24
C SER B 107 21.21 -0.02 22.02
N GLY B 108 22.21 -0.71 21.48
CA GLY B 108 23.53 -0.81 22.09
C GLY B 108 23.62 -1.73 23.30
N ASP B 109 24.50 -1.37 24.24
CA ASP B 109 24.83 -2.25 25.36
C ASP B 109 23.66 -2.49 26.30
N HIS B 110 22.84 -1.46 26.48
CA HIS B 110 21.74 -1.49 27.44
C HIS B 110 20.39 -1.70 26.78
N CYS B 111 20.39 -2.17 25.55
CA CYS B 111 19.16 -2.46 24.82
C CYS B 111 18.25 -3.40 25.61
N ILE B 112 17.01 -2.99 25.81
CA ILE B 112 16.06 -3.80 26.55
C ILE B 112 15.09 -4.49 25.60
N ILE B 113 15.31 -4.32 24.30
CA ILE B 113 14.45 -4.96 23.30
C ILE B 113 14.71 -6.45 23.29
N GLY B 114 13.65 -7.24 23.39
CA GLY B 114 13.78 -8.68 23.46
C GLY B 114 13.91 -9.16 24.88
N ARG B 115 13.74 -8.26 25.84
CA ARG B 115 13.79 -8.63 27.25
C ARG B 115 12.40 -8.44 27.80
N THR B 116 12.23 -8.57 29.10
CA THR B 116 10.88 -8.60 29.67
C THR B 116 10.62 -7.49 30.68
N LEU B 117 9.49 -6.82 30.54
CA LEU B 117 9.07 -5.84 31.51
C LEU B 117 8.15 -6.55 32.47
N VAL B 118 8.35 -6.33 33.76
CA VAL B 118 7.56 -6.99 34.76
C VAL B 118 7.00 -5.97 35.75
N VAL B 119 5.71 -6.07 36.06
CA VAL B 119 5.15 -5.33 37.18
C VAL B 119 4.96 -6.29 38.36
N HIS B 120 5.23 -5.79 39.56
CA HIS B 120 5.39 -6.67 40.73
C HIS B 120 4.27 -6.54 41.78
N GLU B 121 4.19 -7.56 42.64
CA GLU B 121 3.21 -7.60 43.73
C GLU B 121 3.36 -6.44 44.73
N LYS B 122 4.59 -6.23 45.19
CA LYS B 122 4.88 -5.27 46.26
C LYS B 122 5.74 -4.10 45.75
N ALA B 123 5.71 -2.98 46.47
CA ALA B 123 6.58 -1.86 46.17
C ALA B 123 8.04 -2.28 46.17
N ASP B 124 8.82 -1.74 45.24
CA ASP B 124 10.26 -1.91 45.25
C ASP B 124 10.84 -0.97 46.31
N ASP B 125 11.67 -1.48 47.22
CA ASP B 125 12.14 -0.62 48.31
C ASP B 125 13.40 0.20 47.97
N LEU B 126 13.89 0.04 46.74
CA LEU B 126 14.99 0.84 46.21
C LEU B 126 16.34 0.53 46.89
N GLY B 127 16.49 -0.70 47.37
CA GLY B 127 17.73 -1.09 48.03
C GLY B 127 17.85 -0.74 49.53
N LYS B 128 16.80 -0.20 50.12
CA LYS B 128 16.85 0.26 51.51
C LYS B 128 16.08 -0.60 52.53
N GLY B 129 15.84 -1.86 52.19
CA GLY B 129 15.08 -2.76 53.05
C GLY B 129 15.90 -3.50 54.11
N GLY B 130 17.22 -3.39 54.01
CA GLY B 130 18.10 -3.87 55.07
C GLY B 130 18.23 -5.38 55.21
N ASN B 131 17.71 -6.13 54.26
CA ASN B 131 17.95 -7.57 54.22
C ASN B 131 18.59 -7.92 52.88
N GLU B 132 19.01 -9.16 52.74
CA GLU B 132 19.73 -9.59 51.55
C GLU B 132 18.94 -9.33 50.24
N GLU B 133 17.62 -9.52 50.30
CA GLU B 133 16.77 -9.44 49.14
C GLU B 133 16.64 -8.03 48.58
N SER B 134 16.57 -7.05 49.47
CA SER B 134 16.49 -5.65 49.05
C SER B 134 17.59 -5.38 48.02
N THR B 135 18.75 -5.96 48.29
CA THR B 135 19.91 -5.78 47.42
C THR B 135 19.77 -6.45 46.05
N LYS B 136 18.96 -7.52 45.98
CA LYS B 136 18.78 -8.27 44.74
C LYS B 136 17.55 -7.76 43.99
N THR B 137 16.50 -7.49 44.74
CA THR B 137 15.14 -7.50 44.22
C THR B 137 14.25 -6.35 44.74
N GLY B 138 14.75 -5.55 45.67
CA GLY B 138 13.94 -4.50 46.28
C GLY B 138 12.76 -5.03 47.08
N ASN B 139 12.75 -6.34 47.32
CA ASN B 139 11.66 -6.99 48.05
C ASN B 139 10.28 -6.83 47.40
N ALA B 140 10.24 -6.57 46.09
CA ALA B 140 9.00 -6.26 45.39
C ALA B 140 8.05 -7.47 45.22
N GLY B 141 8.54 -8.64 45.59
CA GLY B 141 7.72 -9.84 45.60
C GLY B 141 7.38 -10.45 44.25
N SER B 142 6.19 -11.03 44.19
CA SER B 142 5.83 -11.85 43.04
C SER B 142 5.65 -11.04 41.75
N ARG B 143 5.90 -11.70 40.63
CA ARG B 143 5.73 -11.10 39.31
C ARG B 143 4.28 -11.24 38.88
N LEU B 144 3.57 -10.10 38.84
CA LEU B 144 2.13 -10.04 38.61
C LEU B 144 1.75 -10.07 37.14
N ALA B 145 2.68 -9.63 36.28
CA ALA B 145 2.43 -9.57 34.85
C ALA B 145 3.65 -9.08 34.12
N CYS B 146 3.80 -9.57 32.90
CA CYS B 146 4.97 -9.27 32.15
C CYS B 146 4.72 -9.36 30.65
N GLY B 147 5.74 -9.04 29.88
CA GLY B 147 5.67 -9.07 28.45
C GLY B 147 7.05 -8.88 27.88
N VAL B 148 7.26 -9.40 26.68
CA VAL B 148 8.49 -9.16 25.97
C VAL B 148 8.45 -7.80 25.27
N ILE B 149 9.53 -7.05 25.43
CA ILE B 149 9.64 -5.74 24.82
C ILE B 149 10.00 -5.88 23.35
N GLY B 150 9.11 -5.43 22.48
CA GLY B 150 9.35 -5.56 21.07
C GLY B 150 9.41 -4.24 20.33
N ILE B 151 9.94 -4.31 19.11
CA ILE B 151 10.09 -3.18 18.24
C ILE B 151 8.75 -2.61 17.77
N ALA B 152 8.58 -1.31 17.91
CA ALA B 152 7.32 -0.66 17.54
C ALA B 152 7.54 0.30 16.38
N GLN B 153 6.44 0.75 15.76
CA GLN B 153 6.54 1.60 14.59
C GLN B 153 6.71 3.08 14.94
N ALA C 1 -6.05 1.29 12.97
CA ALA C 1 -6.92 2.04 12.06
C ALA C 1 -6.52 3.52 11.93
N MET C 2 -5.57 3.81 11.03
CA MET C 2 -5.02 5.15 10.87
C MET C 2 -5.59 5.88 9.63
N LYS C 3 -6.22 7.03 9.88
CA LYS C 3 -6.78 7.84 8.81
C LYS C 3 -6.13 9.21 8.76
N ALA C 4 -5.94 9.72 7.55
CA ALA C 4 -5.52 11.11 7.37
C ALA C 4 -6.18 11.66 6.13
N VAL C 5 -6.20 12.98 5.99
CA VAL C 5 -6.81 13.59 4.83
C VAL C 5 -6.06 14.83 4.40
N CYS C 6 -6.23 15.17 3.13
CA CYS C 6 -5.52 16.27 2.53
C CYS C 6 -6.37 16.89 1.43
N VAL C 7 -6.66 18.17 1.55
CA VAL C 7 -7.34 18.90 0.48
C VAL C 7 -6.29 19.67 -0.34
N LEU C 8 -6.37 19.52 -1.66
CA LEU C 8 -5.38 20.13 -2.54
C LEU C 8 -5.92 21.37 -3.23
N LYS C 9 -5.28 22.51 -2.99
CA LYS C 9 -5.62 23.74 -3.68
C LYS C 9 -4.39 24.27 -4.42
N GLY C 10 -4.60 25.00 -5.51
CA GLY C 10 -3.51 25.67 -6.19
C GLY C 10 -3.93 27.09 -6.51
N ASP C 11 -3.09 27.84 -7.22
CA ASP C 11 -3.51 29.17 -7.67
C ASP C 11 -4.38 29.06 -8.93
N GLY C 12 -4.58 27.82 -9.40
CA GLY C 12 -5.42 27.55 -10.55
C GLY C 12 -6.57 26.60 -10.22
N PRO C 13 -7.16 25.99 -11.27
CA PRO C 13 -8.36 25.15 -11.10
C PRO C 13 -8.02 23.72 -10.65
N VAL C 14 -6.74 23.44 -10.48
CA VAL C 14 -6.31 22.11 -10.05
C VAL C 14 -6.56 21.91 -8.55
N GLN C 15 -7.59 21.15 -8.23
CA GLN C 15 -8.01 20.95 -6.85
C GLN C 15 -8.60 19.56 -6.64
N GLY C 16 -8.71 19.15 -5.38
CA GLY C 16 -9.28 17.86 -5.04
C GLY C 16 -8.98 17.40 -3.63
N THR C 17 -9.45 16.21 -3.29
CA THR C 17 -9.30 15.69 -1.94
C THR C 17 -8.70 14.30 -2.02
N ILE C 18 -7.78 13.99 -1.10
CA ILE C 18 -7.16 12.68 -1.04
C ILE C 18 -7.31 12.11 0.36
N HIS C 19 -7.85 10.89 0.46
CA HIS C 19 -7.96 10.24 1.76
C HIS C 19 -6.86 9.19 1.94
N PHE C 20 -6.39 9.03 3.18
CA PHE C 20 -5.28 8.12 3.50
C PHE C 20 -5.71 7.11 4.55
N GLU C 21 -5.47 5.83 4.27
CA GLU C 21 -5.73 4.79 5.25
C GLU C 21 -4.60 3.76 5.32
N GLN C 22 -4.13 3.53 6.54
CA GLN C 22 -3.11 2.53 6.83
C GLN C 22 -3.67 1.71 7.98
N LYS C 23 -3.83 0.41 7.75
CA LYS C 23 -4.67 -0.41 8.64
C LYS C 23 -3.99 -0.73 9.97
N ALA C 24 -2.67 -0.95 9.90
CA ALA C 24 -1.87 -1.26 11.07
C ALA C 24 -0.44 -0.88 10.78
N SER C 25 0.38 -0.91 11.82
CA SER C 25 1.78 -0.49 11.73
C SER C 25 2.54 -1.13 10.55
N GLY C 26 3.42 -0.36 9.94
CA GLY C 26 4.24 -0.83 8.84
C GLY C 26 3.46 -1.20 7.58
N GLU C 27 2.14 -1.09 7.63
CA GLU C 27 1.28 -1.48 6.51
C GLU C 27 1.34 -0.48 5.34
N PRO C 28 0.84 -0.89 4.17
CA PRO C 28 0.71 0.05 3.04
C PRO C 28 -0.34 1.12 3.30
N VAL C 29 -0.21 2.24 2.63
CA VAL C 29 -1.19 3.31 2.75
C VAL C 29 -2.04 3.38 1.48
N VAL C 30 -3.35 3.39 1.66
CA VAL C 30 -4.25 3.47 0.51
C VAL C 30 -4.70 4.91 0.28
N LEU C 31 -4.53 5.36 -0.96
CA LEU C 31 -4.86 6.72 -1.35
C LEU C 31 -6.00 6.72 -2.35
N SER C 32 -7.15 7.21 -1.92
CA SER C 32 -8.29 7.35 -2.79
C SER C 32 -8.74 8.80 -2.83
N GLY C 33 -9.51 9.13 -3.85
CA GLY C 33 -9.94 10.50 -4.06
C GLY C 33 -9.82 10.86 -5.54
N GLN C 34 -9.77 12.15 -5.81
CA GLN C 34 -9.89 12.64 -7.17
C GLN C 34 -9.22 14.01 -7.27
N ILE C 35 -8.90 14.41 -8.49
CA ILE C 35 -8.44 15.77 -8.74
C ILE C 35 -9.12 16.30 -10.01
N THR C 36 -9.52 17.57 -9.99
CA THR C 36 -10.28 18.15 -11.09
C THR C 36 -9.50 19.27 -11.74
N GLY C 37 -9.94 19.68 -12.92
CA GLY C 37 -9.37 20.84 -13.58
C GLY C 37 -7.89 20.70 -13.88
N LEU C 38 -7.51 19.52 -14.34
CA LEU C 38 -6.16 19.28 -14.83
C LEU C 38 -6.13 19.41 -16.34
N THR C 39 -4.93 19.37 -16.89
CA THR C 39 -4.80 19.17 -18.33
C THR C 39 -4.80 17.66 -18.58
N GLU C 40 -5.31 17.25 -19.75
CA GLU C 40 -5.35 15.83 -20.06
C GLU C 40 -3.96 15.20 -19.94
N GLY C 41 -3.92 13.88 -19.96
CA GLY C 41 -2.66 13.17 -19.83
C GLY C 41 -2.24 13.02 -18.39
N GLN C 42 -0.95 12.93 -18.17
CA GLN C 42 -0.41 12.64 -16.85
C GLN C 42 0.29 13.85 -16.23
N HIS C 43 0.27 13.89 -14.90
CA HIS C 43 0.91 14.95 -14.11
C HIS C 43 1.65 14.29 -12.95
N GLY C 44 2.74 14.90 -12.50
CA GLY C 44 3.47 14.37 -11.36
C GLY C 44 2.59 14.27 -10.12
N PHE C 45 2.99 13.45 -9.15
CA PHE C 45 2.21 13.27 -7.93
C PHE C 45 3.07 12.73 -6.79
N HIS C 46 3.60 13.62 -5.97
CA HIS C 46 4.54 13.22 -4.93
C HIS C 46 4.24 13.92 -3.62
N VAL C 47 4.82 13.40 -2.54
CA VAL C 47 4.71 14.02 -1.23
C VAL C 47 5.97 14.81 -0.95
N HIS C 48 5.85 16.12 -0.85
CA HIS C 48 7.01 16.95 -0.54
C HIS C 48 7.26 17.01 0.97
N GLN C 49 8.38 17.61 1.35
CA GLN C 49 8.94 17.41 2.68
C GLN C 49 8.29 18.17 3.83
N TYR C 50 7.99 19.44 3.60
CA TYR C 50 7.55 20.32 4.69
C TYR C 50 6.08 20.68 4.59
N GLY C 51 5.38 20.59 5.72
CA GLY C 51 3.97 20.94 5.75
C GLY C 51 3.83 22.43 5.99
N ASP C 52 4.28 23.21 5.00
CA ASP C 52 4.44 24.65 5.14
C ASP C 52 4.02 25.33 3.85
N ASN C 53 2.92 26.09 3.93
CA ASN C 53 2.44 26.78 2.75
C ASN C 53 2.41 28.28 2.95
N THR C 54 3.25 28.78 3.86
CA THR C 54 3.46 30.22 4.03
C THR C 54 3.84 30.89 2.70
N GLN C 55 4.36 30.12 1.76
CA GLN C 55 4.59 30.64 0.41
C GLN C 55 3.99 29.74 -0.64
N GLY C 56 2.72 29.37 -0.45
CA GLY C 56 2.04 28.49 -1.36
C GLY C 56 2.76 27.15 -1.37
N CYS C 57 2.80 26.51 -2.53
CA CYS C 57 3.45 25.21 -2.63
C CYS C 57 4.96 25.32 -2.51
N THR C 58 5.54 26.37 -3.08
CA THR C 58 6.99 26.44 -3.16
C THR C 58 7.66 26.18 -1.81
N SER C 59 7.01 26.56 -0.72
CA SER C 59 7.60 26.42 0.62
C SER C 59 7.49 25.00 1.19
N ALA C 60 6.89 24.11 0.40
CA ALA C 60 6.82 22.69 0.77
C ALA C 60 8.23 22.10 0.88
N GLY C 61 8.99 22.26 -0.19
CA GLY C 61 10.38 21.83 -0.19
C GLY C 61 10.63 20.70 -1.16
N PRO C 62 11.62 19.87 -0.84
CA PRO C 62 12.10 18.75 -1.68
C PRO C 62 11.23 17.53 -1.46
N HIS C 63 11.03 16.69 -2.47
CA HIS C 63 10.31 15.44 -2.25
C HIS C 63 10.75 14.89 -0.89
N PHE C 64 9.80 14.36 -0.13
CA PHE C 64 10.15 13.78 1.15
C PHE C 64 11.21 12.72 0.86
N ASN C 65 12.39 12.86 1.46
CA ASN C 65 13.48 11.93 1.15
C ASN C 65 14.59 11.87 2.21
N PRO C 66 14.25 11.42 3.42
CA PRO C 66 15.18 11.35 4.56
C PRO C 66 16.35 10.39 4.33
N HIS C 67 16.30 9.60 3.26
CA HIS C 67 17.37 8.66 2.97
C HIS C 67 18.39 9.28 2.04
N SER C 68 18.07 10.47 1.55
CA SER C 68 18.95 11.22 0.68
C SER C 68 19.10 10.55 -0.69
N LYS C 69 18.26 9.55 -0.93
CA LYS C 69 18.28 8.83 -2.20
C LYS C 69 17.95 9.77 -3.37
N LYS C 70 17.47 9.21 -4.48
CA LYS C 70 17.20 10.01 -5.67
C LYS C 70 15.83 9.73 -6.29
N HIS C 71 15.59 10.37 -7.44
CA HIS C 71 14.25 10.41 -8.03
C HIS C 71 13.96 9.29 -9.05
N GLY C 72 13.12 8.34 -8.65
CA GLY C 72 12.65 7.29 -9.53
C GLY C 72 11.13 7.17 -9.48
N GLY C 73 10.61 6.03 -9.94
CA GLY C 73 9.19 5.75 -9.85
C GLY C 73 8.76 5.09 -8.53
N PRO C 74 7.47 4.78 -8.41
CA PRO C 74 6.87 4.15 -7.23
C PRO C 74 7.40 2.74 -6.96
N ALA C 75 7.49 1.92 -8.00
CA ALA C 75 7.98 0.56 -7.87
C ALA C 75 9.49 0.56 -7.65
N ASP C 76 10.19 1.37 -8.46
CA ASP C 76 11.65 1.48 -8.41
C ASP C 76 12.18 1.44 -6.97
N GLU C 77 13.26 0.70 -6.77
CA GLU C 77 13.83 0.59 -5.43
C GLU C 77 14.46 1.93 -5.03
N GLU C 78 14.86 2.71 -6.03
CA GLU C 78 15.46 4.01 -5.78
C GLU C 78 14.47 5.14 -6.07
N ARG C 79 14.07 5.83 -5.02
CA ARG C 79 13.02 6.84 -5.12
C ARG C 79 12.92 7.62 -3.82
N HIS C 80 12.37 8.82 -3.91
CA HIS C 80 12.07 9.60 -2.72
C HIS C 80 10.88 8.94 -2.07
N VAL C 81 10.94 8.79 -0.74
CA VAL C 81 9.81 8.25 0.00
C VAL C 81 8.51 8.79 -0.61
N GLY C 82 8.47 10.10 -0.79
CA GLY C 82 7.31 10.75 -1.37
C GLY C 82 7.32 10.75 -2.89
N ASP C 83 7.80 9.65 -3.46
CA ASP C 83 7.81 9.50 -4.91
C ASP C 83 6.73 8.52 -5.34
N LEU C 84 5.57 9.07 -5.72
CA LEU C 84 4.40 8.26 -6.03
C LEU C 84 4.07 8.37 -7.52
N GLY C 85 5.13 8.50 -8.31
CA GLY C 85 5.00 8.48 -9.74
C GLY C 85 3.99 9.45 -10.27
N ASN C 86 2.88 8.92 -10.76
CA ASN C 86 1.96 9.72 -11.53
C ASN C 86 0.50 9.47 -11.21
N VAL C 87 -0.35 10.21 -11.92
CA VAL C 87 -1.79 10.05 -11.91
C VAL C 87 -2.23 10.57 -13.27
N THR C 88 -3.36 10.10 -13.79
CA THR C 88 -3.76 10.52 -15.13
C THR C 88 -5.15 11.16 -15.21
N ALA C 89 -5.22 12.28 -15.93
CA ALA C 89 -6.45 13.05 -16.07
C ALA C 89 -7.14 12.76 -17.40
N ASP C 90 -8.45 12.50 -17.34
CA ASP C 90 -9.23 12.13 -18.53
C ASP C 90 -9.32 13.29 -19.52
N LYS C 91 -10.38 13.28 -20.32
CA LYS C 91 -10.60 14.35 -21.30
C LYS C 91 -11.30 15.53 -20.64
N ASP C 92 -12.01 15.25 -19.56
CA ASP C 92 -12.67 16.29 -18.78
C ASP C 92 -11.82 16.73 -17.58
N GLY C 93 -10.51 16.75 -17.75
CA GLY C 93 -9.59 17.25 -16.73
C GLY C 93 -9.49 16.47 -15.42
N VAL C 94 -10.35 15.46 -15.25
CA VAL C 94 -10.45 14.73 -13.99
C VAL C 94 -9.44 13.57 -13.87
N ALA C 95 -8.75 13.49 -12.75
CA ALA C 95 -7.76 12.45 -12.50
C ALA C 95 -8.09 11.59 -11.29
N ASP C 96 -8.83 10.51 -11.49
CA ASP C 96 -9.16 9.62 -10.39
C ASP C 96 -7.89 9.02 -9.78
N VAL C 97 -7.87 8.95 -8.46
CA VAL C 97 -6.70 8.52 -7.73
C VAL C 97 -7.02 7.30 -6.89
N SER C 98 -6.40 6.18 -7.24
CA SER C 98 -6.46 5.00 -6.39
C SER C 98 -5.05 4.45 -6.31
N ILE C 99 -4.50 4.41 -5.11
CA ILE C 99 -3.08 4.14 -4.94
C ILE C 99 -2.74 3.50 -3.61
N GLU C 100 -1.98 2.42 -3.66
CA GLU C 100 -1.42 1.81 -2.47
C GLU C 100 0.08 2.06 -2.51
N ASP C 101 0.69 2.20 -1.34
CA ASP C 101 2.11 2.48 -1.30
C ASP C 101 2.65 2.01 0.04
N SER C 102 3.73 1.23 -0.02
CA SER C 102 4.31 0.65 1.18
C SER C 102 5.50 1.48 1.69
N VAL C 103 5.93 2.45 0.89
CA VAL C 103 7.07 3.30 1.26
C VAL C 103 6.67 4.34 2.31
N ILE C 104 5.58 5.08 2.04
CA ILE C 104 5.07 6.08 2.97
C ILE C 104 4.45 5.43 4.20
N SER C 105 3.99 6.24 5.14
CA SER C 105 3.34 5.75 6.36
C SER C 105 2.61 6.90 7.07
N LEU C 106 1.86 6.58 8.13
CA LEU C 106 1.09 7.59 8.87
C LEU C 106 1.52 7.62 10.32
N SER C 107 2.62 6.94 10.60
CA SER C 107 3.33 7.09 11.86
C SER C 107 4.77 6.57 11.68
N GLY C 108 5.63 6.90 12.63
CA GLY C 108 7.02 6.49 12.56
C GLY C 108 7.88 7.33 11.63
N ASP C 109 9.06 6.82 11.30
CA ASP C 109 10.06 7.60 10.60
C ASP C 109 9.69 7.93 9.14
N HIS C 110 8.57 7.36 8.66
CA HIS C 110 8.07 7.69 7.32
C HIS C 110 6.69 8.37 7.32
N CYS C 111 6.19 8.67 8.52
CA CYS C 111 4.96 9.43 8.73
C CYS C 111 4.90 10.69 7.86
N ILE C 112 4.03 10.68 6.85
CA ILE C 112 3.88 11.82 5.95
C ILE C 112 2.79 12.77 6.44
N ILE C 113 2.39 12.58 7.69
CA ILE C 113 1.39 13.41 8.32
C ILE C 113 2.02 14.69 8.86
N GLY C 114 1.42 15.83 8.53
CA GLY C 114 1.98 17.11 8.89
C GLY C 114 2.89 17.59 7.79
N ARG C 115 2.81 16.93 6.63
CA ARG C 115 3.61 17.28 5.47
C ARG C 115 2.69 17.57 4.32
N THR C 116 3.26 17.94 3.17
CA THR C 116 2.49 18.45 2.05
C THR C 116 2.41 17.48 0.89
N LEU C 117 1.22 17.37 0.31
CA LEU C 117 1.00 16.53 -0.85
C LEU C 117 0.89 17.43 -2.07
N VAL C 118 1.65 17.14 -3.12
CA VAL C 118 1.68 18.00 -4.31
C VAL C 118 1.43 17.28 -5.63
N VAL C 119 0.61 17.89 -6.47
CA VAL C 119 0.43 17.44 -7.85
C VAL C 119 1.12 18.46 -8.76
N HIS C 120 1.64 18.00 -9.90
CA HIS C 120 2.45 18.86 -10.76
C HIS C 120 1.91 19.10 -12.16
N GLU C 121 2.62 19.95 -12.90
CA GLU C 121 2.18 20.44 -14.20
C GLU C 121 2.22 19.38 -15.30
N LYS C 122 3.40 18.80 -15.50
CA LYS C 122 3.63 17.78 -16.53
C LYS C 122 3.91 16.41 -15.91
N ALA C 123 4.02 15.39 -16.77
CA ALA C 123 4.18 14.02 -16.30
C ALA C 123 5.54 13.78 -15.65
N ASP C 124 5.54 13.09 -14.51
CA ASP C 124 6.78 12.63 -13.88
C ASP C 124 7.42 11.64 -14.84
N ASP C 125 8.74 11.71 -15.00
CA ASP C 125 9.45 10.75 -15.84
C ASP C 125 10.26 9.72 -15.01
N LEU C 126 10.20 9.85 -13.69
CA LEU C 126 10.69 8.83 -12.77
C LEU C 126 12.20 8.58 -12.83
N GLY C 127 12.96 9.57 -13.28
CA GLY C 127 14.41 9.42 -13.36
C GLY C 127 14.87 8.93 -14.72
N ASN C 131 18.35 13.62 -18.04
CA ASN C 131 18.94 14.88 -17.61
C ASN C 131 18.99 15.06 -16.10
N GLU C 132 19.76 16.05 -15.65
CA GLU C 132 19.95 16.33 -14.22
C GLU C 132 18.62 16.61 -13.52
N GLU C 133 17.66 17.11 -14.29
CA GLU C 133 16.34 17.39 -13.76
C GLU C 133 15.71 16.09 -13.26
N SER C 134 15.48 15.16 -14.18
CA SER C 134 14.87 13.89 -13.84
C SER C 134 15.53 13.17 -12.65
N THR C 135 16.78 13.53 -12.33
CA THR C 135 17.49 12.93 -11.20
C THR C 135 16.84 13.33 -9.89
N LYS C 136 16.01 14.37 -9.94
CA LYS C 136 15.45 14.96 -8.73
C LYS C 136 13.93 15.14 -8.75
N THR C 137 13.40 15.64 -9.87
CA THR C 137 11.97 15.98 -9.96
C THR C 137 11.21 15.27 -11.08
N GLY C 138 11.93 14.55 -11.93
CA GLY C 138 11.32 13.83 -13.03
C GLY C 138 10.60 14.74 -14.03
N ASN C 139 10.99 16.01 -14.04
CA ASN C 139 10.50 16.97 -15.02
C ASN C 139 8.97 17.12 -15.11
N ALA C 140 8.30 16.94 -13.98
CA ALA C 140 6.86 17.22 -13.88
C ALA C 140 6.68 18.73 -13.96
N GLY C 141 7.60 19.46 -13.34
CA GLY C 141 7.59 20.91 -13.43
C GLY C 141 6.96 21.60 -12.22
N SER C 142 6.15 22.61 -12.50
CA SER C 142 5.58 23.48 -11.48
C SER C 142 4.52 22.79 -10.62
N ARG C 143 4.37 23.26 -9.40
CA ARG C 143 3.44 22.69 -8.44
C ARG C 143 2.06 23.32 -8.61
N LEU C 144 1.10 22.52 -9.08
CA LEU C 144 -0.22 23.01 -9.48
C LEU C 144 -1.25 23.08 -8.33
N ALA C 145 -1.09 22.20 -7.34
CA ALA C 145 -1.96 22.17 -6.17
C ALA C 145 -1.25 21.50 -4.99
N CYS C 146 -1.75 21.74 -3.78
CA CYS C 146 -1.19 21.10 -2.59
C CYS C 146 -2.04 21.27 -1.35
N GLY C 147 -1.69 20.55 -0.30
CA GLY C 147 -2.31 20.69 1.00
C GLY C 147 -1.48 19.96 2.03
N VAL C 148 -1.43 20.46 3.26
CA VAL C 148 -0.86 19.69 4.35
C VAL C 148 -1.70 18.41 4.57
N ILE C 149 -1.09 17.37 5.12
CA ILE C 149 -1.78 16.10 5.31
C ILE C 149 -2.20 15.99 6.77
N GLY C 150 -3.50 16.04 7.02
CA GLY C 150 -3.98 16.17 8.39
C GLY C 150 -4.60 14.90 8.96
N ILE C 151 -4.54 14.76 10.27
CA ILE C 151 -5.19 13.69 11.00
C ILE C 151 -6.71 13.71 10.77
N ALA C 152 -7.24 12.64 10.19
CA ALA C 152 -8.66 12.57 9.87
C ALA C 152 -9.41 11.64 10.81
N GLN C 153 -10.71 11.86 10.93
CA GLN C 153 -11.52 10.90 11.68
C GLN C 153 -11.82 9.72 10.77
N ALA D 1 14.63 20.11 19.50
CA ALA D 1 14.59 20.93 18.29
C ALA D 1 13.46 20.49 17.35
N MET D 2 12.27 21.06 17.59
CA MET D 2 11.08 20.81 16.77
C MET D 2 10.39 22.11 16.30
N LYS D 3 10.19 22.23 14.99
CA LYS D 3 9.54 23.39 14.37
C LYS D 3 8.22 23.03 13.65
N ALA D 4 7.14 23.75 13.92
CA ALA D 4 5.92 23.60 13.12
C ALA D 4 5.32 24.95 12.71
N VAL D 5 4.69 24.98 11.53
CA VAL D 5 4.03 26.19 11.02
C VAL D 5 2.52 26.03 10.74
N CYS D 6 1.75 27.12 10.71
CA CYS D 6 0.31 27.05 10.40
C CYS D 6 -0.29 28.33 9.85
N VAL D 7 -0.73 28.29 8.60
CA VAL D 7 -1.45 29.39 7.98
C VAL D 7 -2.98 29.33 8.23
N LEU D 8 -3.53 30.39 8.82
CA LEU D 8 -4.97 30.42 9.09
C LEU D 8 -5.74 31.14 8.00
N LYS D 9 -6.61 30.42 7.29
CA LYS D 9 -7.55 31.03 6.37
C LYS D 9 -9.00 30.78 6.79
N GLY D 10 -9.92 31.55 6.25
CA GLY D 10 -11.35 31.37 6.48
C GLY D 10 -12.17 31.98 5.36
N ASP D 11 -13.46 32.20 5.59
CA ASP D 11 -14.30 32.77 4.54
C ASP D 11 -14.40 34.28 4.65
N GLY D 12 -13.95 34.81 5.78
CA GLY D 12 -13.99 36.23 5.99
C GLY D 12 -12.61 36.84 5.94
N PRO D 13 -12.49 38.04 6.50
CA PRO D 13 -11.28 38.86 6.35
C PRO D 13 -10.12 38.33 7.20
N VAL D 14 -10.41 37.41 8.11
CA VAL D 14 -9.40 36.94 9.07
C VAL D 14 -8.37 35.97 8.49
N GLN D 15 -7.11 36.14 8.89
CA GLN D 15 -6.02 35.31 8.38
C GLN D 15 -4.77 35.50 9.23
N GLY D 16 -3.91 34.49 9.26
CA GLY D 16 -2.79 34.51 10.16
C GLY D 16 -1.72 33.54 9.74
N THR D 17 -0.56 33.67 10.38
CA THR D 17 0.59 32.82 10.16
C THR D 17 1.20 32.65 11.54
N ILE D 18 1.42 31.40 11.94
CA ILE D 18 1.93 31.09 13.28
C ILE D 18 3.10 30.10 13.19
N HIS D 19 4.01 30.18 14.15
CA HIS D 19 5.15 29.27 14.20
C HIS D 19 5.26 28.70 15.61
N PHE D 20 5.72 27.45 15.72
CA PHE D 20 5.80 26.81 17.02
C PHE D 20 7.24 26.36 17.26
N GLU D 21 7.71 26.51 18.48
CA GLU D 21 9.07 26.11 18.81
C GLU D 21 9.01 25.19 20.00
N GLN D 22 9.81 24.12 19.93
CA GLN D 22 10.05 23.25 21.08
C GLN D 22 11.50 22.71 21.04
N LYS D 23 12.27 23.00 22.07
CA LYS D 23 13.65 22.52 22.10
C LYS D 23 13.68 21.04 22.49
N ALA D 24 12.99 20.71 23.58
CA ALA D 24 13.01 19.34 24.08
C ALA D 24 11.61 18.75 24.20
N SER D 25 11.53 17.45 23.93
CA SER D 25 10.28 16.73 23.94
C SER D 25 9.48 16.92 25.23
N GLY D 26 10.17 17.15 26.33
CA GLY D 26 9.47 17.38 27.59
C GLY D 26 9.30 18.85 27.89
N GLU D 27 9.76 19.71 26.98
CA GLU D 27 9.83 21.15 27.21
C GLU D 27 8.76 21.96 26.49
N PRO D 28 8.31 23.08 27.11
CA PRO D 28 7.26 23.97 26.60
C PRO D 28 7.32 24.26 25.10
N VAL D 29 6.16 24.55 24.52
CA VAL D 29 6.06 24.98 23.12
C VAL D 29 5.82 26.48 23.04
N VAL D 30 6.55 27.14 22.14
CA VAL D 30 6.34 28.56 21.92
C VAL D 30 5.68 28.83 20.58
N LEU D 31 4.60 29.62 20.61
CA LEU D 31 3.91 30.07 19.40
C LEU D 31 4.17 31.55 19.21
N SER D 32 4.34 31.95 17.96
CA SER D 32 4.47 33.36 17.66
C SER D 32 3.98 33.64 16.25
N GLY D 33 3.56 34.88 16.02
CA GLY D 33 3.12 35.30 14.70
C GLY D 33 1.96 36.25 14.83
N GLN D 34 1.30 36.54 13.74
CA GLN D 34 0.18 37.46 13.82
C GLN D 34 -1.06 36.90 13.18
N ILE D 35 -2.19 37.27 13.74
CA ILE D 35 -3.49 37.09 13.10
C ILE D 35 -4.11 38.45 12.83
N THR D 36 -4.50 38.68 11.59
CA THR D 36 -5.12 39.94 11.22
C THR D 36 -6.61 39.82 10.87
N GLY D 37 -7.26 40.98 10.74
CA GLY D 37 -8.64 41.06 10.30
C GLY D 37 -9.67 40.80 11.40
N LEU D 38 -9.23 40.87 12.65
CA LEU D 38 -10.11 40.57 13.78
C LEU D 38 -10.79 41.81 14.37
N THR D 39 -12.00 41.63 14.87
CA THR D 39 -12.62 42.64 15.69
C THR D 39 -11.75 42.79 16.93
N GLU D 40 -11.81 43.95 17.54
CA GLU D 40 -10.93 44.24 18.64
C GLU D 40 -11.38 43.49 19.89
N GLY D 41 -10.42 43.05 20.69
CA GLY D 41 -10.72 42.33 21.90
C GLY D 41 -10.21 40.89 21.85
N GLN D 42 -10.74 40.09 22.77
CA GLN D 42 -10.27 38.72 22.96
C GLN D 42 -10.94 37.70 22.05
N HIS D 43 -10.18 36.69 21.69
CA HIS D 43 -10.63 35.71 20.72
C HIS D 43 -10.12 34.34 21.13
N GLY D 44 -11.05 33.42 21.33
CA GLY D 44 -10.72 32.06 21.68
C GLY D 44 -9.76 31.53 20.65
N PHE D 45 -8.81 30.73 21.09
CA PHE D 45 -7.71 30.31 20.25
C PHE D 45 -7.33 28.91 20.74
N HIS D 46 -7.55 27.90 19.89
CA HIS D 46 -7.57 26.51 20.37
C HIS D 46 -6.95 25.56 19.36
N VAL D 47 -6.38 24.46 19.84
CA VAL D 47 -6.02 23.37 18.96
C VAL D 47 -7.17 22.39 18.92
N HIS D 48 -7.67 22.17 17.71
CA HIS D 48 -8.82 21.30 17.52
C HIS D 48 -8.36 19.91 17.13
N GLN D 49 -9.26 18.93 17.21
CA GLN D 49 -8.87 17.53 17.06
C GLN D 49 -8.27 17.13 15.71
N TYR D 50 -8.94 17.44 14.61
CA TYR D 50 -8.54 16.84 13.33
C TYR D 50 -7.93 17.86 12.40
N GLY D 51 -7.13 17.37 11.46
CA GLY D 51 -6.53 18.23 10.45
C GLY D 51 -7.33 18.14 9.18
N ASP D 52 -8.65 18.12 9.36
CA ASP D 52 -9.59 17.86 8.28
C ASP D 52 -10.28 19.15 7.84
N ASN D 53 -9.97 19.59 6.63
CA ASN D 53 -10.57 20.82 6.11
C ASN D 53 -11.53 20.63 4.93
N THR D 54 -12.11 19.43 4.80
CA THR D 54 -13.04 19.16 3.71
C THR D 54 -14.27 20.02 3.86
N GLN D 55 -14.57 20.39 5.10
CA GLN D 55 -15.73 21.24 5.36
C GLN D 55 -15.30 22.48 6.12
N GLY D 56 -14.39 23.25 5.51
CA GLY D 56 -13.88 24.45 6.13
C GLY D 56 -13.40 24.19 7.54
N CYS D 57 -13.75 25.06 8.47
CA CYS D 57 -13.30 24.87 9.84
C CYS D 57 -14.16 23.89 10.62
N THR D 58 -15.34 23.58 10.12
CA THR D 58 -16.24 22.73 10.92
C THR D 58 -15.77 21.27 11.05
N SER D 59 -15.10 20.73 10.03
CA SER D 59 -14.59 19.36 10.08
C SER D 59 -13.29 19.19 10.88
N ALA D 60 -12.85 20.23 11.56
CA ALA D 60 -11.71 20.07 12.43
C ALA D 60 -12.17 19.42 13.74
N GLY D 61 -13.49 19.33 13.90
CA GLY D 61 -14.07 18.76 15.11
C GLY D 61 -13.89 19.59 16.37
N PRO D 62 -13.88 18.93 17.52
CA PRO D 62 -13.80 19.65 18.79
C PRO D 62 -12.35 19.92 19.21
N HIS D 63 -12.18 20.56 20.35
CA HIS D 63 -10.89 20.72 20.98
C HIS D 63 -10.16 19.39 21.15
N PHE D 64 -8.85 19.39 20.89
CA PHE D 64 -8.00 18.23 21.12
C PHE D 64 -8.13 17.84 22.57
N ASN D 65 -8.68 16.66 22.84
CA ASN D 65 -8.95 16.26 24.23
C ASN D 65 -8.66 14.79 24.54
N PRO D 66 -7.36 14.45 24.54
CA PRO D 66 -6.84 13.09 24.67
C PRO D 66 -7.24 12.46 26.00
N HIS D 67 -7.26 13.26 27.05
CA HIS D 67 -7.57 12.78 28.39
C HIS D 67 -9.04 12.97 28.71
N SER D 68 -9.83 13.31 27.71
CA SER D 68 -11.25 13.58 27.95
C SER D 68 -11.46 14.38 29.24
N LYS D 69 -10.82 15.53 29.35
CA LYS D 69 -11.09 16.47 30.46
C LYS D 69 -12.15 17.50 30.02
N LYS D 70 -12.59 18.34 30.95
CA LYS D 70 -13.47 19.46 30.63
C LYS D 70 -12.65 20.65 30.10
N HIS D 71 -13.33 21.56 29.40
CA HIS D 71 -12.65 22.72 28.86
C HIS D 71 -12.16 23.65 29.97
N GLY D 72 -10.99 24.25 29.75
CA GLY D 72 -10.50 25.28 30.66
C GLY D 72 -9.49 26.25 30.04
N GLY D 73 -8.95 27.13 30.87
CA GLY D 73 -7.90 28.05 30.46
C GLY D 73 -6.56 27.36 30.40
N PRO D 74 -5.57 27.99 29.74
CA PRO D 74 -4.28 27.32 29.57
C PRO D 74 -3.60 27.00 30.90
N ALA D 75 -4.01 27.69 31.96
CA ALA D 75 -3.36 27.53 33.25
C ALA D 75 -4.20 26.70 34.23
N ASP D 76 -5.43 26.38 33.85
CA ASP D 76 -6.27 25.57 34.72
C ASP D 76 -5.76 24.13 34.84
N GLU D 77 -5.86 23.58 36.05
CA GLU D 77 -5.51 22.18 36.27
C GLU D 77 -6.41 21.31 35.40
N GLU D 78 -7.68 21.70 35.28
CA GLU D 78 -8.67 21.00 34.48
C GLU D 78 -8.90 21.70 33.11
N ARG D 79 -8.33 21.13 32.05
CA ARG D 79 -8.37 21.74 30.72
C ARG D 79 -8.11 20.69 29.66
N HIS D 80 -8.51 20.97 28.41
CA HIS D 80 -8.15 20.12 27.28
C HIS D 80 -6.71 20.42 26.90
N VAL D 81 -6.04 19.49 26.24
CA VAL D 81 -4.71 19.76 25.74
C VAL D 81 -4.66 21.06 24.91
N GLY D 82 -5.56 21.19 23.94
CA GLY D 82 -5.56 22.31 23.02
C GLY D 82 -6.13 23.64 23.50
N ASP D 83 -6.38 23.75 24.80
CA ASP D 83 -6.91 24.98 25.35
C ASP D 83 -5.85 26.08 25.48
N LEU D 84 -5.52 26.71 24.37
CA LEU D 84 -4.51 27.79 24.39
C LEU D 84 -5.07 29.15 24.79
N GLY D 85 -6.24 29.17 25.43
CA GLY D 85 -6.84 30.39 25.92
C GLY D 85 -7.23 31.45 24.90
N ASN D 86 -6.91 32.70 25.22
CA ASN D 86 -7.25 33.87 24.42
C ASN D 86 -6.10 34.65 23.81
N VAL D 87 -6.30 35.04 22.56
CA VAL D 87 -5.44 35.93 21.85
C VAL D 87 -6.16 37.32 21.78
N THR D 88 -5.40 38.42 21.72
CA THR D 88 -6.00 39.75 21.74
C THR D 88 -5.77 40.60 20.47
N ALA D 89 -6.84 41.00 19.80
CA ALA D 89 -6.71 41.88 18.64
C ALA D 89 -6.77 43.35 19.09
N ASP D 90 -5.91 44.20 18.52
CA ASP D 90 -5.92 45.63 18.78
C ASP D 90 -6.96 46.39 17.92
N LYS D 91 -7.00 47.71 18.01
CA LYS D 91 -8.00 48.52 17.31
C LYS D 91 -7.89 48.37 15.79
N ASP D 92 -6.74 47.90 15.31
CA ASP D 92 -6.58 47.77 13.86
C ASP D 92 -6.77 46.36 13.35
N GLY D 93 -7.34 45.50 14.20
CA GLY D 93 -7.67 44.16 13.79
C GLY D 93 -6.59 43.12 13.90
N VAL D 94 -5.46 43.46 14.52
CA VAL D 94 -4.30 42.57 14.63
C VAL D 94 -4.13 41.95 16.03
N ALA D 95 -3.93 40.64 16.08
CA ALA D 95 -3.49 40.01 17.33
C ALA D 95 -2.06 39.50 17.20
N ASP D 96 -1.18 39.93 18.10
CA ASP D 96 0.17 39.42 18.10
C ASP D 96 0.24 38.25 19.07
N VAL D 97 0.67 37.09 18.55
CA VAL D 97 0.63 35.86 19.30
C VAL D 97 1.95 35.45 19.96
N SER D 98 1.95 35.41 21.27
CA SER D 98 3.13 35.07 22.06
C SER D 98 2.68 34.17 23.20
N ILE D 99 2.93 32.88 23.06
CA ILE D 99 2.34 31.92 23.98
C ILE D 99 3.32 30.79 24.25
N GLU D 100 3.54 30.55 25.54
CA GLU D 100 4.37 29.46 26.00
C GLU D 100 3.47 28.40 26.63
N ASP D 101 3.47 27.19 26.08
CA ASP D 101 2.59 26.16 26.63
C ASP D 101 3.28 24.86 27.00
N SER D 102 3.01 24.42 28.22
CA SER D 102 3.56 23.16 28.70
C SER D 102 2.83 21.95 28.09
N VAL D 103 1.50 21.96 28.18
CA VAL D 103 0.69 20.81 27.76
C VAL D 103 0.76 20.37 26.28
N ILE D 104 0.55 21.28 25.33
CA ILE D 104 0.66 20.87 23.94
C ILE D 104 2.11 20.43 23.67
N SER D 105 2.34 19.79 22.54
CA SER D 105 3.69 19.35 22.22
C SER D 105 3.79 19.08 20.73
N LEU D 106 5.02 19.07 20.23
CA LEU D 106 5.21 18.81 18.81
C LEU D 106 5.55 17.34 18.57
N SER D 107 5.38 16.54 19.61
CA SER D 107 5.54 15.09 19.46
C SER D 107 5.04 14.32 20.68
N GLY D 108 4.99 13.00 20.52
CA GLY D 108 4.56 12.14 21.60
C GLY D 108 3.05 12.08 21.72
N ASP D 109 2.59 11.94 22.96
CA ASP D 109 1.17 11.71 23.26
C ASP D 109 0.32 12.95 22.95
N HIS D 110 0.91 14.12 23.17
CA HIS D 110 0.18 15.37 22.98
C HIS D 110 0.48 16.03 21.63
N CYS D 111 1.21 15.35 20.76
CA CYS D 111 1.59 15.96 19.50
C CYS D 111 0.38 16.66 18.90
N ILE D 112 0.55 17.91 18.48
CA ILE D 112 -0.54 18.69 17.90
C ILE D 112 -0.34 18.89 16.42
N ILE D 113 0.67 18.22 15.87
CA ILE D 113 0.94 18.34 14.44
C ILE D 113 -0.02 17.49 13.62
N GLY D 114 -0.47 18.02 12.49
CA GLY D 114 -1.47 17.36 11.67
C GLY D 114 -2.85 17.63 12.24
N ARG D 115 -2.90 18.34 13.35
CA ARG D 115 -4.16 18.77 13.92
C ARG D 115 -4.45 20.18 13.40
N THR D 116 -5.45 20.86 13.96
CA THR D 116 -5.88 22.13 13.40
C THR D 116 -5.93 23.26 14.42
N LEU D 117 -5.35 24.40 14.05
CA LEU D 117 -5.44 25.61 14.85
C LEU D 117 -6.61 26.48 14.38
N VAL D 118 -7.35 27.02 15.35
CA VAL D 118 -8.55 27.79 15.09
C VAL D 118 -8.60 29.05 15.93
N VAL D 119 -8.84 30.19 15.29
CA VAL D 119 -9.15 31.42 16.00
C VAL D 119 -10.67 31.65 15.93
N HIS D 120 -11.26 32.00 17.05
CA HIS D 120 -12.70 32.02 17.21
C HIS D 120 -13.27 33.42 17.27
N GLU D 121 -14.60 33.46 17.18
CA GLU D 121 -15.38 34.68 17.05
C GLU D 121 -15.35 35.56 18.30
N LYS D 122 -15.35 34.93 19.47
CA LYS D 122 -15.35 35.69 20.70
C LYS D 122 -14.39 35.17 21.75
N ALA D 123 -14.41 35.82 22.90
CA ALA D 123 -13.63 35.41 24.04
C ALA D 123 -13.92 33.98 24.54
N ASP D 124 -12.85 33.29 24.93
CA ASP D 124 -12.90 32.07 25.69
C ASP D 124 -13.18 32.40 27.16
N ASP D 125 -14.25 31.86 27.74
CA ASP D 125 -14.54 32.12 29.15
C ASP D 125 -13.78 31.14 30.03
N LEU D 126 -12.93 30.34 29.41
CA LEU D 126 -11.99 29.50 30.16
C LEU D 126 -12.66 28.32 30.90
N GLY D 127 -13.94 28.07 30.63
CA GLY D 127 -14.60 26.94 31.23
C GLY D 127 -15.18 27.28 32.59
N LYS D 128 -15.48 28.56 32.77
CA LYS D 128 -16.06 29.04 34.01
C LYS D 128 -17.42 29.67 33.75
N GLY D 129 -17.95 29.46 32.54
CA GLY D 129 -19.26 29.97 32.20
C GLY D 129 -20.41 29.32 32.96
N GLY D 130 -20.15 28.15 33.56
CA GLY D 130 -21.16 27.48 34.34
C GLY D 130 -22.02 26.51 33.55
N ASN D 131 -22.23 26.80 32.26
CA ASN D 131 -23.09 25.95 31.43
C ASN D 131 -22.30 24.89 30.68
N GLU D 132 -23.01 24.00 30.00
CA GLU D 132 -22.38 22.89 29.33
C GLU D 132 -21.42 23.35 28.24
N GLU D 133 -21.84 24.37 27.50
CA GLU D 133 -21.08 24.83 26.34
C GLU D 133 -19.71 25.30 26.81
N SER D 134 -19.71 26.12 27.86
CA SER D 134 -18.50 26.59 28.52
C SER D 134 -17.53 25.44 28.82
N THR D 135 -18.09 24.25 28.98
CA THR D 135 -17.41 23.04 29.42
C THR D 135 -16.77 22.30 28.24
N LYS D 136 -17.18 22.69 27.03
CA LYS D 136 -16.69 22.03 25.83
C LYS D 136 -15.89 23.00 24.98
N THR D 137 -16.25 24.27 25.07
CA THR D 137 -15.99 25.21 24.00
C THR D 137 -15.47 26.56 24.47
N GLY D 138 -15.69 26.89 25.74
CA GLY D 138 -15.37 28.19 26.28
C GLY D 138 -16.36 29.25 25.86
N ASN D 139 -17.40 28.83 25.16
CA ASN D 139 -18.37 29.75 24.57
C ASN D 139 -17.67 30.78 23.68
N ALA D 140 -16.70 30.33 22.88
CA ALA D 140 -15.90 31.22 22.04
C ALA D 140 -16.55 31.48 20.69
N GLY D 141 -17.65 30.77 20.44
CA GLY D 141 -18.45 31.00 19.26
C GLY D 141 -17.81 30.42 18.02
N SER D 142 -18.14 31.03 16.87
CA SER D 142 -17.80 30.46 15.58
C SER D 142 -16.32 30.46 15.25
N ARG D 143 -16.00 29.80 14.14
CA ARG D 143 -14.64 29.59 13.70
C ARG D 143 -14.32 30.53 12.55
N LEU D 144 -13.57 31.57 12.87
CA LEU D 144 -13.21 32.62 11.93
C LEU D 144 -12.23 32.13 10.84
N ALA D 145 -11.17 31.46 11.28
CA ALA D 145 -10.08 31.02 10.42
C ALA D 145 -9.35 29.85 11.06
N CYS D 146 -8.82 28.97 10.23
CA CYS D 146 -8.15 27.80 10.76
C CYS D 146 -7.13 27.29 9.75
N GLY D 147 -6.20 26.48 10.24
CA GLY D 147 -5.30 25.77 9.38
C GLY D 147 -4.72 24.52 10.02
N VAL D 148 -4.29 23.60 9.16
CA VAL D 148 -3.64 22.37 9.56
C VAL D 148 -2.22 22.69 10.01
N ILE D 149 -1.85 22.25 11.20
CA ILE D 149 -0.54 22.49 11.76
C ILE D 149 0.53 21.58 11.14
N GLY D 150 1.40 22.18 10.33
CA GLY D 150 2.33 21.41 9.53
C GLY D 150 3.75 21.42 10.09
N ILE D 151 4.55 20.46 9.63
CA ILE D 151 5.95 20.40 10.00
C ILE D 151 6.76 21.39 9.18
N ALA D 152 7.57 22.19 9.87
CA ALA D 152 8.29 23.27 9.23
C ALA D 152 9.81 23.07 9.33
N ALA E 1 5.63 -15.77 -44.86
CA ALA E 1 4.22 -15.52 -45.17
C ALA E 1 3.39 -15.35 -43.89
N MET E 2 2.99 -14.12 -43.61
CA MET E 2 2.22 -13.79 -42.41
C MET E 2 0.74 -14.09 -42.61
N LYS E 3 0.16 -14.84 -41.68
CA LYS E 3 -1.27 -15.14 -41.71
C LYS E 3 -1.96 -14.57 -40.45
N ALA E 4 -3.22 -14.17 -40.59
CA ALA E 4 -3.98 -13.69 -39.44
C ALA E 4 -5.44 -14.07 -39.60
N VAL E 5 -6.19 -13.97 -38.52
CA VAL E 5 -7.62 -14.24 -38.59
C VAL E 5 -8.42 -13.44 -37.56
N CYS E 6 -9.66 -13.15 -37.91
CA CYS E 6 -10.49 -12.38 -37.03
C CYS E 6 -11.90 -12.93 -37.02
N VAL E 7 -12.36 -13.34 -35.84
CA VAL E 7 -13.73 -13.82 -35.68
C VAL E 7 -14.53 -12.64 -35.21
N LEU E 8 -15.59 -12.33 -35.96
CA LEU E 8 -16.43 -11.17 -35.64
C LEU E 8 -17.68 -11.65 -34.93
N LYS E 9 -17.88 -11.14 -33.71
CA LYS E 9 -19.09 -11.42 -32.96
C LYS E 9 -19.73 -10.08 -32.62
N GLY E 10 -21.01 -10.09 -32.28
CA GLY E 10 -21.70 -8.86 -31.94
C GLY E 10 -23.00 -9.20 -31.24
N ASP E 11 -23.48 -8.26 -30.42
CA ASP E 11 -24.73 -8.46 -29.69
C ASP E 11 -25.82 -8.97 -30.63
N GLY E 12 -25.78 -8.52 -31.88
CA GLY E 12 -26.72 -8.98 -32.88
C GLY E 12 -26.47 -10.42 -33.29
N PRO E 13 -27.10 -10.85 -34.39
CA PRO E 13 -26.92 -12.17 -35.00
C PRO E 13 -25.80 -12.12 -36.04
N VAL E 14 -25.24 -10.93 -36.24
CA VAL E 14 -24.10 -10.76 -37.13
C VAL E 14 -22.91 -11.55 -36.60
N GLN E 15 -22.19 -12.19 -37.51
CA GLN E 15 -21.02 -12.99 -37.15
C GLN E 15 -20.30 -13.43 -38.43
N GLY E 16 -19.02 -13.76 -38.30
CA GLY E 16 -18.25 -14.28 -39.42
C GLY E 16 -16.80 -14.53 -39.10
N THR E 17 -16.03 -14.90 -40.12
CA THR E 17 -14.62 -15.17 -39.97
C THR E 17 -13.84 -14.61 -41.16
N ILE E 18 -12.84 -13.78 -40.87
CA ILE E 18 -12.02 -13.19 -41.92
C ILE E 18 -10.57 -13.66 -41.81
N HIS E 19 -9.99 -14.04 -42.95
CA HIS E 19 -8.62 -14.52 -42.99
C HIS E 19 -7.72 -13.54 -43.71
N PHE E 20 -6.54 -13.34 -43.15
CA PHE E 20 -5.57 -12.38 -43.68
C PHE E 20 -4.35 -13.13 -44.14
N GLU E 21 -3.76 -12.64 -45.23
CA GLU E 21 -2.49 -13.16 -45.70
C GLU E 21 -1.70 -12.05 -46.36
N GLN E 22 -0.39 -12.10 -46.20
CA GLN E 22 0.50 -11.11 -46.76
C GLN E 22 1.83 -11.81 -46.96
N LYS E 23 2.12 -12.12 -48.22
CA LYS E 23 3.27 -12.96 -48.57
C LYS E 23 4.54 -12.44 -47.90
N ALA E 24 4.82 -11.16 -48.08
CA ALA E 24 6.04 -10.58 -47.58
C ALA E 24 5.79 -9.17 -47.10
N SER E 25 6.79 -8.57 -46.46
CA SER E 25 6.68 -7.24 -45.85
C SER E 25 5.80 -6.28 -46.64
N GLY E 26 6.43 -5.30 -47.28
CA GLY E 26 5.71 -4.39 -48.15
C GLY E 26 5.02 -5.19 -49.25
N GLU E 27 3.76 -5.53 -49.01
CA GLU E 27 2.98 -6.37 -49.92
C GLU E 27 1.51 -6.23 -49.59
N PRO E 28 0.65 -6.42 -50.60
CA PRO E 28 -0.80 -6.40 -50.37
C PRO E 28 -1.18 -7.39 -49.27
N VAL E 29 -2.16 -7.04 -48.45
CA VAL E 29 -2.78 -7.99 -47.55
C VAL E 29 -4.05 -8.48 -48.21
N VAL E 30 -4.24 -9.79 -48.24
CA VAL E 30 -5.42 -10.34 -48.85
C VAL E 30 -6.42 -10.85 -47.82
N LEU E 31 -7.62 -10.31 -47.87
CA LEU E 31 -8.70 -10.75 -46.99
C LEU E 31 -9.67 -11.65 -47.74
N SER E 32 -10.05 -12.75 -47.11
CA SER E 32 -11.13 -13.58 -47.63
C SER E 32 -11.95 -14.13 -46.47
N GLY E 33 -13.10 -14.73 -46.80
CA GLY E 33 -14.00 -15.20 -45.77
C GLY E 33 -15.45 -14.87 -46.07
N GLN E 34 -16.25 -14.68 -45.03
CA GLN E 34 -17.68 -14.55 -45.19
C GLN E 34 -18.41 -14.14 -43.91
N ILE E 35 -19.22 -13.10 -44.01
CA ILE E 35 -20.03 -12.62 -42.90
C ILE E 35 -21.50 -12.97 -43.12
N THR E 36 -22.23 -13.18 -42.04
CA THR E 36 -23.63 -13.60 -42.13
C THR E 36 -24.50 -12.83 -41.14
N GLY E 37 -25.81 -12.87 -41.37
CA GLY E 37 -26.76 -12.17 -40.52
C GLY E 37 -26.82 -10.66 -40.77
N LEU E 38 -26.51 -10.25 -41.99
CA LEU E 38 -26.50 -8.83 -42.36
C LEU E 38 -27.74 -8.43 -43.16
N THR E 39 -28.05 -7.13 -43.16
CA THR E 39 -29.10 -6.57 -44.01
C THR E 39 -28.56 -6.39 -45.43
N GLU E 40 -29.36 -6.75 -46.43
CA GLU E 40 -28.91 -6.65 -47.82
C GLU E 40 -28.30 -5.29 -48.14
N GLY E 41 -27.12 -5.29 -48.75
CA GLY E 41 -26.47 -4.06 -49.16
C GLY E 41 -25.05 -3.86 -48.66
N GLN E 42 -24.58 -2.62 -48.74
CA GLN E 42 -23.20 -2.27 -48.35
C GLN E 42 -23.09 -1.92 -46.88
N HIS E 43 -21.93 -2.26 -46.30
CA HIS E 43 -21.66 -2.04 -44.88
C HIS E 43 -20.25 -1.51 -44.68
N GLY E 44 -20.12 -0.48 -43.83
CA GLY E 44 -18.80 -0.03 -43.40
C GLY E 44 -17.96 -1.19 -42.90
N PHE E 45 -16.68 -1.17 -43.23
CA PHE E 45 -15.79 -2.28 -42.92
C PHE E 45 -14.44 -1.66 -42.63
N HIS E 46 -14.02 -1.69 -41.38
CA HIS E 46 -12.84 -0.93 -41.00
C HIS E 46 -12.01 -1.63 -39.93
N VAL E 47 -10.72 -1.32 -39.93
CA VAL E 47 -9.90 -1.67 -38.80
C VAL E 47 -9.89 -0.47 -37.88
N HIS E 48 -10.41 -0.67 -36.68
CA HIS E 48 -10.35 0.38 -35.67
C HIS E 48 -9.04 0.27 -34.89
N GLN E 49 -8.73 1.32 -34.13
CA GLN E 49 -7.42 1.49 -33.52
C GLN E 49 -7.06 0.43 -32.47
N TYR E 50 -7.98 0.16 -31.54
CA TYR E 50 -7.64 -0.67 -30.38
C TYR E 50 -8.23 -2.07 -30.40
N GLY E 51 -7.41 -3.06 -30.09
CA GLY E 51 -7.87 -4.42 -30.01
C GLY E 51 -8.41 -4.62 -28.61
N ASP E 52 -9.45 -3.83 -28.31
CA ASP E 52 -9.98 -3.69 -26.96
C ASP E 52 -11.49 -3.86 -27.03
N ASN E 53 -11.99 -4.96 -26.48
CA ASN E 53 -13.41 -5.22 -26.50
C ASN E 53 -13.98 -5.26 -25.09
N THR E 54 -13.40 -4.44 -24.22
CA THR E 54 -13.85 -4.38 -22.84
C THR E 54 -15.32 -3.98 -22.78
N GLN E 55 -15.69 -2.93 -23.51
CA GLN E 55 -17.09 -2.50 -23.61
C GLN E 55 -17.61 -2.70 -25.01
N GLY E 56 -17.67 -3.96 -25.45
CA GLY E 56 -18.07 -4.29 -26.81
C GLY E 56 -17.13 -3.71 -27.86
N CYS E 57 -17.69 -3.37 -29.02
CA CYS E 57 -16.90 -2.83 -30.12
C CYS E 57 -16.54 -1.39 -29.90
N THR E 58 -17.26 -0.76 -28.98
CA THR E 58 -17.12 0.67 -28.75
C THR E 58 -15.76 0.99 -28.15
N SER E 59 -15.20 0.06 -27.40
CA SER E 59 -13.86 0.28 -26.82
C SER E 59 -12.72 0.15 -27.85
N ALA E 60 -13.02 -0.36 -29.03
CA ALA E 60 -12.05 -0.43 -30.14
C ALA E 60 -11.53 0.95 -30.55
N GLY E 61 -12.33 1.98 -30.28
CA GLY E 61 -11.97 3.34 -30.64
C GLY E 61 -12.28 3.73 -32.07
N PRO E 62 -11.51 4.69 -32.61
CA PRO E 62 -11.68 5.24 -33.96
C PRO E 62 -11.15 4.31 -35.03
N HIS E 63 -11.36 4.68 -36.30
CA HIS E 63 -10.74 3.97 -37.43
C HIS E 63 -9.22 4.05 -37.26
N PHE E 64 -8.50 2.96 -37.49
CA PHE E 64 -7.05 3.01 -37.38
C PHE E 64 -6.50 4.16 -38.22
N ASN E 65 -5.62 4.98 -37.66
CA ASN E 65 -5.16 6.19 -38.35
C ASN E 65 -3.90 6.84 -37.76
N PRO E 66 -2.72 6.26 -38.04
CA PRO E 66 -1.43 6.70 -37.49
C PRO E 66 -0.91 7.99 -38.14
N HIS E 67 -1.59 8.46 -39.18
CA HIS E 67 -1.13 9.65 -39.89
C HIS E 67 -2.21 10.71 -39.96
N SER E 68 -3.11 10.66 -38.97
CA SER E 68 -4.21 11.61 -38.82
C SER E 68 -4.72 12.24 -40.12
N LYS E 69 -5.11 11.41 -41.06
CA LYS E 69 -5.79 11.86 -42.26
C LYS E 69 -7.29 11.77 -42.00
N LYS E 70 -8.10 12.15 -42.98
CA LYS E 70 -9.55 12.13 -42.81
C LYS E 70 -10.09 10.86 -43.46
N HIS E 71 -11.33 10.52 -43.16
CA HIS E 71 -11.90 9.25 -43.61
C HIS E 71 -11.93 9.12 -45.12
N GLY E 72 -11.42 8.01 -45.63
CA GLY E 72 -11.46 7.75 -47.06
C GLY E 72 -11.97 6.36 -47.39
N GLY E 73 -12.42 6.20 -48.63
CA GLY E 73 -12.64 4.87 -49.18
C GLY E 73 -11.25 4.31 -49.43
N PRO E 74 -11.15 2.99 -49.61
CA PRO E 74 -9.83 2.34 -49.73
C PRO E 74 -9.02 2.98 -50.86
N ALA E 75 -9.72 3.34 -51.92
CA ALA E 75 -9.11 3.86 -53.15
C ALA E 75 -8.52 5.26 -52.97
N ASP E 76 -9.22 6.10 -52.20
CA ASP E 76 -8.82 7.49 -52.00
C ASP E 76 -7.34 7.72 -51.69
N GLU E 77 -6.92 8.98 -51.80
CA GLU E 77 -5.58 9.37 -51.44
C GLU E 77 -5.54 9.71 -49.95
N GLU E 78 -6.61 10.39 -49.52
CA GLU E 78 -6.76 10.78 -48.12
C GLU E 78 -7.68 9.79 -47.39
N ARG E 79 -7.09 8.93 -46.57
CA ARG E 79 -7.86 7.93 -45.82
C ARG E 79 -7.15 7.54 -44.53
N HIS E 80 -7.89 6.90 -43.64
CA HIS E 80 -7.29 6.26 -42.49
C HIS E 80 -6.75 4.93 -42.98
N VAL E 81 -5.64 4.48 -42.40
CA VAL E 81 -5.18 3.14 -42.69
C VAL E 81 -6.32 2.10 -42.61
N GLY E 82 -7.11 2.15 -41.55
CA GLY E 82 -8.14 1.15 -41.30
C GLY E 82 -9.35 1.14 -42.22
N ASP E 83 -9.29 1.90 -43.30
CA ASP E 83 -10.44 2.01 -44.23
C ASP E 83 -10.41 0.99 -45.36
N LEU E 84 -11.37 0.08 -45.34
CA LEU E 84 -11.47 -0.96 -46.35
C LEU E 84 -12.78 -0.80 -47.11
N GLY E 85 -13.52 0.24 -46.77
CA GLY E 85 -14.72 0.62 -47.50
C GLY E 85 -15.95 -0.21 -47.20
N ASN E 86 -16.50 -0.87 -48.21
CA ASN E 86 -17.76 -1.56 -48.02
C ASN E 86 -17.72 -3.05 -48.29
N VAL E 87 -18.68 -3.73 -47.66
CA VAL E 87 -18.88 -5.16 -47.84
C VAL E 87 -20.36 -5.39 -48.15
N THR E 88 -20.64 -5.95 -49.31
CA THR E 88 -22.02 -6.08 -49.78
C THR E 88 -22.68 -7.37 -49.32
N ALA E 89 -23.68 -7.26 -48.46
CA ALA E 89 -24.50 -8.40 -48.08
C ALA E 89 -25.53 -8.67 -49.18
N ASP E 90 -25.82 -9.95 -49.42
CA ASP E 90 -26.82 -10.27 -50.43
C ASP E 90 -28.22 -10.42 -49.81
N LYS E 91 -29.15 -10.93 -50.59
CA LYS E 91 -30.54 -11.05 -50.15
C LYS E 91 -30.72 -11.97 -48.95
N ASP E 92 -29.71 -12.82 -48.70
CA ASP E 92 -29.77 -13.79 -47.60
C ASP E 92 -29.10 -13.28 -46.33
N GLY E 93 -28.48 -12.09 -46.42
CA GLY E 93 -27.72 -11.56 -45.31
C GLY E 93 -26.25 -11.97 -45.35
N VAL E 94 -25.91 -12.82 -46.33
CA VAL E 94 -24.53 -13.26 -46.51
C VAL E 94 -23.73 -12.28 -47.38
N ALA E 95 -22.57 -11.89 -46.87
CA ALA E 95 -21.68 -11.01 -47.61
C ALA E 95 -20.31 -11.67 -47.80
N ASP E 96 -20.00 -12.10 -49.00
CA ASP E 96 -18.73 -12.78 -49.26
C ASP E 96 -17.59 -11.77 -49.36
N VAL E 97 -16.63 -11.86 -48.46
CA VAL E 97 -15.60 -10.83 -48.35
C VAL E 97 -14.31 -11.22 -49.05
N SER E 98 -13.92 -10.41 -50.01
CA SER E 98 -12.65 -10.61 -50.72
C SER E 98 -12.02 -9.26 -51.00
N ILE E 99 -10.99 -8.91 -50.25
CA ILE E 99 -10.36 -7.61 -50.39
C ILE E 99 -8.84 -7.74 -50.53
N GLU E 100 -8.25 -6.77 -51.19
CA GLU E 100 -6.80 -6.73 -51.26
C GLU E 100 -6.37 -5.28 -51.03
N ASP E 101 -5.48 -5.07 -50.07
CA ASP E 101 -5.14 -3.72 -49.66
C ASP E 101 -3.65 -3.61 -49.38
N SER E 102 -3.03 -2.55 -49.88
CA SER E 102 -1.58 -2.40 -49.77
C SER E 102 -1.21 -1.34 -48.74
N VAL E 103 -2.22 -0.70 -48.17
CA VAL E 103 -2.03 0.30 -47.12
C VAL E 103 -1.92 -0.35 -45.73
N ILE E 104 -2.82 -1.29 -45.44
CA ILE E 104 -2.71 -2.10 -44.22
C ILE E 104 -1.57 -3.12 -44.34
N SER E 105 -1.25 -3.78 -43.24
CA SER E 105 -0.11 -4.66 -43.18
C SER E 105 -0.20 -5.61 -41.98
N LEU E 106 0.46 -6.76 -42.11
CA LEU E 106 0.54 -7.73 -41.01
C LEU E 106 1.85 -7.60 -40.27
N SER E 107 2.45 -6.42 -40.36
CA SER E 107 3.65 -6.06 -39.59
C SER E 107 4.13 -4.67 -39.99
N GLY E 108 4.98 -4.06 -39.18
CA GLY E 108 5.44 -2.70 -39.44
C GLY E 108 4.51 -1.63 -38.91
N ASP E 109 4.80 -0.36 -39.21
CA ASP E 109 4.03 0.76 -38.70
C ASP E 109 2.53 0.63 -38.94
N HIS E 110 2.17 -0.04 -40.02
CA HIS E 110 0.76 -0.18 -40.36
C HIS E 110 0.17 -1.51 -39.88
N CYS E 111 0.92 -2.23 -39.04
CA CYS E 111 0.50 -3.51 -38.51
C CYS E 111 -0.89 -3.43 -37.87
N ILE E 112 -1.78 -4.32 -38.29
CA ILE E 112 -3.13 -4.34 -37.75
C ILE E 112 -3.36 -5.54 -36.84
N ILE E 113 -2.29 -6.27 -36.55
CA ILE E 113 -2.41 -7.41 -35.65
C ILE E 113 -2.55 -6.99 -34.19
N GLY E 114 -3.63 -7.44 -33.57
CA GLY E 114 -4.01 -6.96 -32.25
C GLY E 114 -4.90 -5.72 -32.33
N ARG E 115 -5.37 -5.41 -33.53
CA ARG E 115 -6.34 -4.33 -33.70
C ARG E 115 -7.69 -4.93 -34.02
N THR E 116 -8.73 -4.10 -34.08
CA THR E 116 -10.08 -4.63 -34.13
C THR E 116 -10.73 -4.38 -35.47
N LEU E 117 -11.14 -5.46 -36.12
CA LEU E 117 -11.90 -5.36 -37.36
C LEU E 117 -13.38 -5.14 -37.03
N VAL E 118 -14.01 -4.16 -37.70
CA VAL E 118 -15.43 -3.89 -37.48
C VAL E 118 -16.27 -3.79 -38.76
N VAL E 119 -17.39 -4.51 -38.79
CA VAL E 119 -18.43 -4.35 -39.78
C VAL E 119 -19.51 -3.44 -39.19
N HIS E 120 -19.93 -2.42 -39.93
CA HIS E 120 -20.85 -1.42 -39.40
C HIS E 120 -22.28 -1.64 -39.84
N GLU E 121 -23.18 -0.81 -39.32
CA GLU E 121 -24.63 -0.97 -39.53
C GLU E 121 -25.06 -0.49 -40.91
N LYS E 122 -24.43 0.58 -41.37
CA LYS E 122 -24.77 1.19 -42.65
C LYS E 122 -23.58 1.20 -43.61
N ALA E 123 -23.86 1.35 -44.90
CA ALA E 123 -22.81 1.54 -45.89
C ALA E 123 -21.93 2.75 -45.55
N ASP E 124 -20.69 2.69 -46.01
CA ASP E 124 -19.71 3.73 -45.76
C ASP E 124 -19.59 4.63 -46.98
N ASP E 125 -19.79 5.93 -46.80
CA ASP E 125 -19.75 6.86 -47.95
C ASP E 125 -18.33 7.26 -48.36
N LEU E 126 -17.33 6.55 -47.84
CA LEU E 126 -15.96 6.75 -48.29
C LEU E 126 -15.42 8.16 -48.05
N GLY E 127 -16.17 8.95 -47.28
CA GLY E 127 -15.72 10.29 -46.91
C GLY E 127 -16.24 11.35 -47.86
N LYS E 128 -17.43 11.11 -48.42
CA LYS E 128 -17.97 11.96 -49.48
C LYS E 128 -19.46 12.27 -49.30
N GLY E 129 -19.80 12.93 -48.20
CA GLY E 129 -21.18 13.29 -47.91
C GLY E 129 -21.29 14.73 -47.46
N GLY E 130 -20.14 15.41 -47.42
CA GLY E 130 -20.09 16.85 -47.19
C GLY E 130 -20.09 17.33 -45.76
N ASN E 131 -20.19 16.41 -44.80
CA ASN E 131 -20.21 16.79 -43.38
C ASN E 131 -19.07 16.21 -42.55
N GLU E 132 -19.00 16.66 -41.29
CA GLU E 132 -18.01 16.15 -40.34
C GLU E 132 -18.07 14.63 -40.19
N GLU E 133 -19.27 14.08 -40.06
CA GLU E 133 -19.37 12.66 -39.76
C GLU E 133 -19.01 11.80 -40.98
N SER E 134 -18.92 12.41 -42.14
CA SER E 134 -18.35 11.72 -43.28
C SER E 134 -16.83 11.84 -43.21
N THR E 135 -16.36 12.97 -42.72
CA THR E 135 -14.93 13.18 -42.63
C THR E 135 -14.28 12.24 -41.62
N LYS E 136 -15.06 11.76 -40.66
CA LYS E 136 -14.53 10.94 -39.59
C LYS E 136 -14.96 9.47 -39.66
N THR E 137 -16.26 9.22 -39.81
CA THR E 137 -16.78 7.86 -39.72
C THR E 137 -17.33 7.31 -41.05
N GLY E 138 -17.36 8.14 -42.07
CA GLY E 138 -17.99 7.78 -43.34
C GLY E 138 -19.47 7.49 -43.15
N ASN E 139 -19.97 7.83 -41.96
CA ASN E 139 -21.36 7.59 -41.60
C ASN E 139 -21.71 6.11 -41.65
N ALA E 140 -20.74 5.28 -41.27
CA ALA E 140 -20.91 3.83 -41.23
C ALA E 140 -21.95 3.42 -40.19
N GLY E 141 -22.24 4.34 -39.26
CA GLY E 141 -23.20 4.05 -38.21
C GLY E 141 -22.59 3.22 -37.10
N SER E 142 -23.42 2.43 -36.41
CA SER E 142 -22.92 1.68 -35.26
C SER E 142 -22.17 0.40 -35.65
N ARG E 143 -21.70 -0.32 -34.63
CA ARG E 143 -20.82 -1.45 -34.78
C ARG E 143 -21.55 -2.78 -34.60
N LEU E 144 -21.94 -3.41 -35.71
CA LEU E 144 -22.72 -4.64 -35.68
C LEU E 144 -21.95 -5.79 -35.07
N ALA E 145 -20.64 -5.83 -35.33
CA ALA E 145 -19.79 -6.93 -34.88
C ALA E 145 -18.32 -6.58 -35.01
N CYS E 146 -17.49 -7.25 -34.21
CA CYS E 146 -16.07 -6.98 -34.22
C CYS E 146 -15.28 -8.16 -33.65
N GLY E 147 -13.97 -8.04 -33.71
CA GLY E 147 -13.08 -9.07 -33.19
C GLY E 147 -11.67 -8.55 -33.28
N VAL E 148 -10.80 -9.02 -32.39
CA VAL E 148 -9.41 -8.65 -32.46
C VAL E 148 -8.72 -9.46 -33.54
N ILE E 149 -7.78 -8.83 -34.23
CA ILE E 149 -7.04 -9.49 -35.29
C ILE E 149 -5.87 -10.22 -34.68
N GLY E 150 -5.89 -11.55 -34.80
CA GLY E 150 -4.88 -12.42 -34.20
C GLY E 150 -4.00 -13.24 -35.14
N ILE E 151 -2.87 -13.71 -34.63
CA ILE E 151 -1.91 -14.47 -35.41
C ILE E 151 -2.43 -15.89 -35.72
N ALA E 152 -2.29 -16.30 -36.97
CA ALA E 152 -2.87 -17.56 -37.42
C ALA E 152 -1.81 -18.56 -37.90
N GLN E 153 -2.20 -19.81 -38.02
CA GLN E 153 -1.27 -20.83 -38.49
C GLN E 153 -1.26 -20.90 -40.02
N ALA F 1 6.12 3.57 -24.50
CA ALA F 1 5.38 2.84 -23.48
C ALA F 1 4.26 2.03 -24.10
N MET F 2 4.36 0.69 -24.01
CA MET F 2 3.42 -0.19 -24.68
C MET F 2 2.36 -0.71 -23.71
N LYS F 3 1.10 -0.74 -24.16
CA LYS F 3 0.01 -1.28 -23.35
C LYS F 3 -0.81 -2.30 -24.13
N ALA F 4 -1.39 -3.26 -23.42
CA ALA F 4 -2.20 -4.30 -24.06
C ALA F 4 -3.36 -4.71 -23.20
N VAL F 5 -4.30 -5.45 -23.80
CA VAL F 5 -5.52 -5.83 -23.13
C VAL F 5 -6.10 -7.09 -23.75
N CYS F 6 -6.81 -7.87 -22.92
CA CYS F 6 -7.39 -9.14 -23.33
C CYS F 6 -8.69 -9.40 -22.60
N VAL F 7 -9.72 -9.79 -23.32
CA VAL F 7 -10.97 -10.15 -22.67
C VAL F 7 -11.17 -11.66 -22.78
N LEU F 8 -11.22 -12.35 -21.64
CA LEU F 8 -11.38 -13.79 -21.66
C LEU F 8 -12.85 -14.21 -21.54
N LYS F 9 -13.29 -15.05 -22.47
CA LYS F 9 -14.64 -15.57 -22.44
C LYS F 9 -14.54 -17.01 -22.90
N GLY F 10 -15.43 -17.86 -22.40
CA GLY F 10 -15.49 -19.25 -22.81
C GLY F 10 -16.90 -19.79 -22.84
N ASP F 11 -17.00 -21.11 -22.84
CA ASP F 11 -18.30 -21.80 -22.92
C ASP F 11 -19.08 -21.72 -21.61
N GLY F 12 -18.36 -21.71 -20.50
CA GLY F 12 -19.01 -21.69 -19.20
C GLY F 12 -19.08 -20.31 -18.60
N PRO F 13 -19.01 -20.23 -17.26
CA PRO F 13 -19.16 -19.02 -16.46
C PRO F 13 -17.91 -18.18 -16.37
N VAL F 14 -16.80 -18.67 -16.90
CA VAL F 14 -15.55 -17.97 -16.64
C VAL F 14 -15.35 -16.83 -17.61
N GLN F 15 -15.02 -15.66 -17.07
CA GLN F 15 -14.74 -14.48 -17.87
C GLN F 15 -13.85 -13.51 -17.08
N GLY F 16 -13.24 -12.56 -17.78
CA GLY F 16 -12.36 -11.61 -17.13
C GLY F 16 -11.68 -10.68 -18.12
N THR F 17 -10.77 -9.87 -17.60
CA THR F 17 -10.17 -8.80 -18.35
C THR F 17 -8.77 -8.62 -17.80
N ILE F 18 -7.78 -8.66 -18.67
CA ILE F 18 -6.40 -8.55 -18.24
C ILE F 18 -5.74 -7.38 -18.96
N HIS F 19 -4.96 -6.60 -18.22
CA HIS F 19 -4.25 -5.44 -18.77
C HIS F 19 -2.77 -5.65 -18.72
N PHE F 20 -2.10 -5.40 -19.84
CA PHE F 20 -0.66 -5.60 -19.88
C PHE F 20 0.02 -4.26 -19.98
N GLU F 21 1.17 -4.12 -19.34
CA GLU F 21 1.92 -2.88 -19.44
C GLU F 21 3.43 -3.09 -19.41
N GLN F 22 4.09 -2.53 -20.41
CA GLN F 22 5.53 -2.68 -20.53
C GLN F 22 6.06 -1.28 -20.74
N LYS F 23 7.03 -0.90 -19.92
CA LYS F 23 7.49 0.48 -19.91
C LYS F 23 8.33 0.80 -21.13
N ALA F 24 9.09 -0.20 -21.59
CA ALA F 24 10.04 -0.01 -22.67
C ALA F 24 10.54 -1.36 -23.19
N SER F 25 11.07 -1.33 -24.41
CA SER F 25 11.32 -2.52 -25.22
C SER F 25 11.38 -3.86 -24.53
N GLY F 26 12.55 -4.26 -24.06
CA GLY F 26 12.70 -5.60 -23.55
C GLY F 26 12.57 -5.64 -22.04
N GLU F 27 11.74 -4.76 -21.50
CA GLU F 27 11.59 -4.66 -20.06
C GLU F 27 10.38 -5.47 -19.58
N PRO F 28 10.35 -5.80 -18.28
CA PRO F 28 9.29 -6.73 -17.84
C PRO F 28 7.87 -6.24 -18.20
N VAL F 29 6.95 -7.17 -18.42
CA VAL F 29 5.58 -6.82 -18.68
C VAL F 29 4.79 -7.03 -17.40
N VAL F 30 4.06 -6.01 -17.00
CA VAL F 30 3.24 -6.08 -15.80
C VAL F 30 1.81 -6.41 -16.16
N LEU F 31 1.29 -7.46 -15.55
CA LEU F 31 -0.08 -7.88 -15.82
C LEU F 31 -0.97 -7.56 -14.63
N SER F 32 -2.23 -7.28 -14.92
CA SER F 32 -3.20 -7.07 -13.84
C SER F 32 -4.59 -7.07 -14.41
N GLY F 33 -5.57 -7.30 -13.55
CA GLY F 33 -6.94 -7.39 -14.00
C GLY F 33 -7.67 -8.39 -13.14
N GLN F 34 -8.83 -8.84 -13.60
CA GLN F 34 -9.61 -9.71 -12.76
C GLN F 34 -10.29 -10.77 -13.58
N ILE F 35 -10.31 -11.98 -13.05
CA ILE F 35 -11.07 -13.06 -13.67
C ILE F 35 -12.10 -13.48 -12.62
N THR F 36 -13.25 -13.95 -13.08
CA THR F 36 -14.34 -14.32 -12.18
C THR F 36 -14.90 -15.65 -12.62
N GLY F 37 -15.81 -16.23 -11.85
CA GLY F 37 -16.43 -17.50 -12.25
C GLY F 37 -15.57 -18.76 -12.09
N LEU F 38 -14.51 -18.66 -11.31
CA LEU F 38 -13.55 -19.75 -11.18
C LEU F 38 -13.75 -20.54 -9.89
N THR F 39 -13.30 -21.79 -9.89
CA THR F 39 -13.23 -22.57 -8.67
C THR F 39 -12.14 -21.96 -7.78
N GLU F 40 -12.33 -21.99 -6.47
CA GLU F 40 -11.32 -21.40 -5.62
C GLU F 40 -10.02 -22.17 -5.86
N GLY F 41 -8.89 -21.48 -5.76
CA GLY F 41 -7.62 -22.16 -5.94
C GLY F 41 -6.78 -21.64 -7.11
N GLN F 42 -5.78 -22.43 -7.48
CA GLN F 42 -4.85 -22.05 -8.54
C GLN F 42 -5.26 -22.53 -9.93
N HIS F 43 -5.09 -21.67 -10.93
CA HIS F 43 -5.38 -22.04 -12.32
C HIS F 43 -4.26 -21.72 -13.29
N GLY F 44 -3.88 -22.72 -14.09
CA GLY F 44 -2.86 -22.53 -15.09
C GLY F 44 -3.20 -21.29 -15.89
N PHE F 45 -2.18 -20.51 -16.23
CA PHE F 45 -2.37 -19.20 -16.86
C PHE F 45 -1.30 -18.97 -17.92
N HIS F 46 -1.65 -19.15 -19.18
CA HIS F 46 -0.64 -19.22 -20.24
C HIS F 46 -0.94 -18.38 -21.46
N VAL F 47 0.11 -17.89 -22.11
CA VAL F 47 -0.04 -17.35 -23.45
C VAL F 47 0.15 -18.46 -24.46
N HIS F 48 -0.82 -18.64 -25.34
CA HIS F 48 -0.77 -19.69 -26.36
C HIS F 48 -0.38 -19.15 -27.72
N GLN F 49 0.18 -20.02 -28.55
CA GLN F 49 0.79 -19.60 -29.79
C GLN F 49 -0.06 -18.69 -30.69
N TYR F 50 -1.26 -19.12 -31.07
CA TYR F 50 -2.07 -18.41 -32.08
C TYR F 50 -3.27 -17.63 -31.53
N GLY F 51 -3.59 -16.51 -32.20
CA GLY F 51 -4.76 -15.71 -31.85
C GLY F 51 -5.97 -16.11 -32.67
N ASP F 52 -6.16 -17.42 -32.79
CA ASP F 52 -7.17 -17.99 -33.64
C ASP F 52 -8.24 -18.61 -32.75
N ASN F 53 -9.40 -17.96 -32.69
CA ASN F 53 -10.45 -18.45 -31.82
C ASN F 53 -11.66 -18.94 -32.63
N THR F 54 -11.35 -19.58 -33.75
CA THR F 54 -12.35 -20.08 -34.69
C THR F 54 -12.92 -21.43 -34.23
N GLN F 55 -12.08 -22.27 -33.63
CA GLN F 55 -12.61 -23.41 -32.91
C GLN F 55 -12.51 -23.20 -31.42
N GLY F 56 -13.00 -22.06 -30.95
CA GLY F 56 -12.89 -21.68 -29.54
C GLY F 56 -11.45 -21.58 -29.07
N CYS F 57 -11.24 -21.93 -27.81
CA CYS F 57 -9.92 -21.83 -27.17
C CYS F 57 -8.93 -22.86 -27.68
N THR F 58 -9.43 -23.93 -28.27
CA THR F 58 -8.57 -25.05 -28.65
C THR F 58 -7.72 -24.79 -29.89
N SER F 59 -8.11 -23.83 -30.71
CA SER F 59 -7.34 -23.53 -31.92
C SER F 59 -6.35 -22.38 -31.70
N ALA F 60 -6.23 -21.91 -30.47
CA ALA F 60 -5.12 -21.03 -30.07
C ALA F 60 -3.77 -21.77 -30.12
N GLY F 61 -3.82 -23.09 -30.08
CA GLY F 61 -2.64 -23.93 -30.16
C GLY F 61 -2.05 -24.20 -28.79
N PRO F 62 -0.78 -24.60 -28.76
CA PRO F 62 -0.01 -24.93 -27.56
C PRO F 62 0.57 -23.65 -26.96
N HIS F 63 1.25 -23.77 -25.83
CA HIS F 63 1.89 -22.57 -25.27
C HIS F 63 2.80 -21.96 -26.32
N PHE F 64 2.84 -20.64 -26.37
CA PHE F 64 3.78 -19.93 -27.22
C PHE F 64 5.19 -20.39 -26.86
N ASN F 65 5.95 -20.84 -27.85
CA ASN F 65 7.19 -21.55 -27.54
C ASN F 65 8.22 -21.46 -28.66
N PRO F 66 8.62 -20.25 -29.00
CA PRO F 66 9.48 -20.02 -30.17
C PRO F 66 10.82 -20.75 -30.05
N HIS F 67 11.29 -20.98 -28.83
CA HIS F 67 12.59 -21.63 -28.65
C HIS F 67 12.49 -23.13 -28.36
N SER F 68 11.31 -23.70 -28.58
CA SER F 68 11.13 -25.14 -28.52
C SER F 68 11.64 -25.73 -27.25
N LYS F 69 11.32 -25.10 -26.11
CA LYS F 69 11.72 -25.61 -24.79
C LYS F 69 10.63 -26.45 -24.13
N LYS F 70 10.96 -27.09 -23.01
CA LYS F 70 9.94 -27.80 -22.23
C LYS F 70 9.22 -26.81 -21.33
N HIS F 71 7.98 -27.15 -20.97
CA HIS F 71 7.18 -26.31 -20.08
C HIS F 71 7.83 -26.09 -18.70
N GLY F 72 7.58 -24.94 -18.10
CA GLY F 72 8.04 -24.71 -16.73
C GLY F 72 7.20 -23.66 -16.00
N GLY F 73 7.62 -23.29 -14.80
CA GLY F 73 7.05 -22.15 -14.13
C GLY F 73 7.82 -20.92 -14.58
N PRO F 74 7.22 -19.73 -14.40
CA PRO F 74 7.77 -18.43 -14.82
C PRO F 74 9.22 -18.26 -14.41
N ALA F 75 9.60 -18.85 -13.29
CA ALA F 75 10.93 -18.59 -12.73
C ALA F 75 11.98 -19.63 -13.12
N ASP F 76 11.55 -20.69 -13.80
CA ASP F 76 12.45 -21.76 -14.20
C ASP F 76 13.29 -21.33 -15.38
N GLU F 77 14.55 -21.75 -15.40
CA GLU F 77 15.44 -21.40 -16.52
C GLU F 77 14.92 -22.04 -17.80
N GLU F 78 14.17 -23.14 -17.63
CA GLU F 78 13.58 -23.88 -18.73
C GLU F 78 12.06 -23.70 -18.74
N ARG F 79 11.57 -22.98 -19.74
CA ARG F 79 10.14 -22.68 -19.85
C ARG F 79 9.79 -22.24 -21.27
N HIS F 80 8.50 -22.31 -21.58
CA HIS F 80 7.97 -21.77 -22.81
C HIS F 80 7.87 -20.28 -22.57
N VAL F 81 7.92 -19.49 -23.63
CA VAL F 81 7.78 -18.06 -23.50
C VAL F 81 6.41 -17.67 -22.88
N GLY F 82 5.35 -18.34 -23.28
CA GLY F 82 4.05 -18.07 -22.70
C GLY F 82 3.72 -18.69 -21.34
N ASP F 83 4.71 -19.22 -20.60
CA ASP F 83 4.46 -19.83 -19.29
C ASP F 83 4.38 -18.81 -18.16
N LEU F 84 3.19 -18.32 -17.88
CA LEU F 84 3.04 -17.37 -16.80
C LEU F 84 2.77 -18.00 -15.43
N GLY F 85 2.77 -19.32 -15.33
CA GLY F 85 2.47 -19.97 -14.06
C GLY F 85 0.99 -20.06 -13.70
N ASN F 86 0.67 -19.66 -12.46
CA ASN F 86 -0.67 -19.82 -11.95
C ASN F 86 -1.37 -18.52 -11.57
N VAL F 87 -2.69 -18.61 -11.44
CA VAL F 87 -3.51 -17.48 -11.07
C VAL F 87 -4.41 -18.02 -9.95
N THR F 88 -4.78 -17.19 -8.98
CA THR F 88 -5.47 -17.72 -7.78
C THR F 88 -6.88 -17.19 -7.55
N ALA F 89 -7.86 -18.10 -7.55
CA ALA F 89 -9.23 -17.72 -7.28
C ALA F 89 -9.53 -17.84 -5.78
N ASP F 90 -10.18 -16.81 -5.23
CA ASP F 90 -10.59 -16.86 -3.83
C ASP F 90 -11.94 -17.55 -3.70
N LYS F 91 -12.52 -17.52 -2.51
CA LYS F 91 -13.74 -18.24 -2.19
C LYS F 91 -14.93 -17.79 -3.04
N ASP F 92 -14.93 -16.54 -3.45
CA ASP F 92 -15.97 -16.00 -4.34
C ASP F 92 -15.68 -16.34 -5.81
N GLY F 93 -14.51 -16.93 -6.06
CA GLY F 93 -14.15 -17.37 -7.39
C GLY F 93 -13.41 -16.29 -8.17
N VAL F 94 -12.95 -15.27 -7.47
CA VAL F 94 -12.34 -14.11 -8.10
C VAL F 94 -10.82 -14.12 -8.02
N ALA F 95 -10.18 -14.17 -9.17
CA ALA F 95 -8.73 -14.07 -9.24
C ALA F 95 -8.40 -12.64 -9.56
N ASP F 96 -7.81 -11.95 -8.60
CA ASP F 96 -7.26 -10.64 -8.82
C ASP F 96 -5.84 -10.83 -9.32
N VAL F 97 -5.65 -10.76 -10.62
CA VAL F 97 -4.35 -11.08 -11.20
C VAL F 97 -3.29 -10.00 -10.94
N SER F 98 -2.11 -10.42 -10.58
CA SER F 98 -0.99 -9.49 -10.46
C SER F 98 0.33 -10.21 -10.72
N ILE F 99 0.79 -10.09 -11.97
CA ILE F 99 1.99 -10.77 -12.43
C ILE F 99 2.96 -9.81 -13.11
N GLU F 100 4.23 -10.00 -12.81
CA GLU F 100 5.26 -9.32 -13.52
C GLU F 100 6.13 -10.39 -14.17
N ASP F 101 6.25 -10.37 -15.49
CA ASP F 101 7.08 -11.36 -16.16
C ASP F 101 8.08 -10.73 -17.10
N SER F 102 9.33 -11.18 -17.05
CA SER F 102 10.36 -10.54 -17.85
C SER F 102 10.76 -11.30 -19.11
N VAL F 103 10.05 -12.38 -19.44
CA VAL F 103 10.33 -13.16 -20.66
C VAL F 103 9.39 -12.85 -21.83
N ILE F 104 8.10 -12.75 -21.54
CA ILE F 104 7.17 -12.28 -22.54
C ILE F 104 7.45 -10.81 -22.89
N SER F 105 6.95 -10.36 -24.03
CA SER F 105 7.08 -8.95 -24.39
C SER F 105 5.85 -8.44 -25.15
N LEU F 106 5.79 -7.13 -25.33
CA LEU F 106 4.78 -6.52 -26.20
C LEU F 106 5.37 -6.17 -27.58
N SER F 107 6.66 -6.46 -27.76
CA SER F 107 7.27 -6.35 -29.10
C SER F 107 8.43 -7.33 -29.33
N GLY F 108 8.94 -7.35 -30.55
CA GLY F 108 10.05 -8.22 -30.92
C GLY F 108 9.62 -9.67 -30.98
N ASP F 109 10.60 -10.55 -30.94
CA ASP F 109 10.38 -11.99 -31.11
C ASP F 109 9.45 -12.58 -30.07
N HIS F 110 9.48 -12.03 -28.85
CA HIS F 110 8.71 -12.56 -27.74
C HIS F 110 7.39 -11.83 -27.58
N CYS F 111 6.98 -11.13 -28.63
CA CYS F 111 5.77 -10.32 -28.60
C CYS F 111 4.51 -11.20 -28.52
N ILE F 112 3.55 -10.80 -27.70
CA ILE F 112 2.41 -11.68 -27.43
C ILE F 112 1.11 -11.06 -27.92
N ILE F 113 1.24 -9.89 -28.54
CA ILE F 113 0.09 -9.24 -29.13
C ILE F 113 -0.35 -10.05 -30.33
N GLY F 114 -1.64 -10.29 -30.44
CA GLY F 114 -2.14 -11.17 -31.47
C GLY F 114 -2.17 -12.64 -31.07
N ARG F 115 -1.69 -12.94 -29.87
CA ARG F 115 -1.71 -14.33 -29.39
C ARG F 115 -2.78 -14.51 -28.33
N THR F 116 -3.02 -15.74 -27.89
CA THR F 116 -4.17 -15.95 -27.01
C THR F 116 -3.80 -16.20 -25.58
N LEU F 117 -4.47 -15.47 -24.70
CA LEU F 117 -4.35 -15.67 -23.26
C LEU F 117 -5.40 -16.69 -22.87
N VAL F 118 -4.98 -17.72 -22.13
CA VAL F 118 -5.88 -18.79 -21.76
C VAL F 118 -5.81 -19.06 -20.26
N VAL F 119 -6.98 -19.16 -19.63
CA VAL F 119 -7.02 -19.58 -18.24
C VAL F 119 -7.58 -20.98 -18.20
N HIS F 120 -7.00 -21.85 -17.37
CA HIS F 120 -7.21 -23.29 -17.43
C HIS F 120 -7.95 -23.90 -16.24
N GLU F 121 -8.46 -25.10 -16.45
CA GLU F 121 -9.29 -25.81 -15.46
C GLU F 121 -8.52 -26.12 -14.16
N LYS F 122 -7.29 -26.61 -14.29
CA LYS F 122 -6.52 -27.03 -13.11
C LYS F 122 -5.25 -26.18 -12.90
N ALA F 123 -4.59 -26.38 -11.77
CA ALA F 123 -3.31 -25.71 -11.56
C ALA F 123 -2.22 -26.22 -12.49
N ASP F 124 -1.35 -25.30 -12.90
CA ASP F 124 -0.11 -25.60 -13.61
C ASP F 124 0.85 -26.15 -12.57
N ASP F 125 1.39 -27.35 -12.82
CA ASP F 125 2.31 -27.96 -11.87
C ASP F 125 3.77 -27.56 -12.18
N LEU F 126 3.94 -26.55 -13.03
CA LEU F 126 5.26 -25.98 -13.34
C LEU F 126 6.28 -27.01 -13.82
N GLY F 127 5.81 -28.05 -14.50
CA GLY F 127 6.69 -29.02 -15.12
C GLY F 127 7.23 -30.05 -14.15
N LYS F 128 6.59 -30.19 -13.00
CA LYS F 128 7.08 -31.08 -11.94
C LYS F 128 6.05 -32.13 -11.51
N GLY F 129 5.15 -32.49 -12.43
CA GLY F 129 4.13 -33.47 -12.14
C GLY F 129 4.60 -34.89 -12.38
N GLY F 130 5.83 -35.06 -12.89
CA GLY F 130 6.38 -36.39 -13.01
C GLY F 130 5.85 -37.21 -14.18
N ASN F 131 5.40 -36.54 -15.23
CA ASN F 131 5.05 -37.19 -16.49
C ASN F 131 5.30 -36.29 -17.71
N GLU F 132 5.08 -36.85 -18.90
CA GLU F 132 5.23 -36.11 -20.15
C GLU F 132 4.26 -34.94 -20.28
N GLU F 133 3.05 -35.09 -19.76
CA GLU F 133 2.07 -34.02 -19.90
C GLU F 133 2.55 -32.78 -19.14
N SER F 134 3.18 -33.00 -17.99
CA SER F 134 3.68 -31.93 -17.14
C SER F 134 4.71 -31.10 -17.93
N THR F 135 5.52 -31.83 -18.67
CA THR F 135 6.62 -31.28 -19.43
C THR F 135 6.07 -30.42 -20.55
N LYS F 136 4.78 -30.57 -20.85
CA LYS F 136 4.22 -29.87 -22.00
C LYS F 136 3.23 -28.78 -21.60
N THR F 137 2.36 -29.11 -20.66
CA THR F 137 1.19 -28.30 -20.40
C THR F 137 1.07 -27.95 -18.92
N GLY F 138 2.03 -28.46 -18.15
CA GLY F 138 1.94 -28.39 -16.71
C GLY F 138 0.69 -28.99 -16.10
N ASN F 139 0.11 -29.99 -16.76
CA ASN F 139 -1.18 -30.59 -16.39
C ASN F 139 -2.28 -29.64 -15.97
N ALA F 140 -2.29 -28.43 -16.53
CA ALA F 140 -3.34 -27.44 -16.29
C ALA F 140 -4.75 -27.83 -16.77
N GLY F 141 -4.85 -28.80 -17.67
CA GLY F 141 -6.16 -29.28 -18.11
C GLY F 141 -6.85 -28.42 -19.14
N SER F 142 -8.18 -28.48 -19.12
CA SER F 142 -9.01 -27.85 -20.15
C SER F 142 -8.93 -26.33 -20.14
N ARG F 143 -9.31 -25.72 -21.23
CA ARG F 143 -9.21 -24.28 -21.39
C ARG F 143 -10.56 -23.64 -21.04
N LEU F 144 -10.62 -22.96 -19.91
CA LEU F 144 -11.89 -22.42 -19.41
C LEU F 144 -12.34 -21.18 -20.16
N ALA F 145 -11.37 -20.36 -20.59
CA ALA F 145 -11.69 -19.09 -21.21
C ALA F 145 -10.44 -18.53 -21.85
N CYS F 146 -10.63 -17.74 -22.91
CA CYS F 146 -9.51 -17.15 -23.60
C CYS F 146 -9.95 -15.91 -24.38
N GLY F 147 -8.96 -15.14 -24.83
CA GLY F 147 -9.21 -13.95 -25.62
C GLY F 147 -7.92 -13.58 -26.31
N VAL F 148 -8.02 -12.93 -27.47
CA VAL F 148 -6.83 -12.50 -28.20
C VAL F 148 -6.24 -11.23 -27.59
N ILE F 149 -4.93 -11.23 -27.39
CA ILE F 149 -4.26 -10.13 -26.71
C ILE F 149 -4.15 -8.96 -27.66
N GLY F 150 -4.70 -7.82 -27.25
CA GLY F 150 -4.80 -6.68 -28.14
C GLY F 150 -4.04 -5.44 -27.71
N ILE F 151 -3.79 -4.57 -28.67
CA ILE F 151 -3.20 -3.26 -28.42
C ILE F 151 -4.22 -2.41 -27.68
N ALA F 152 -3.75 -1.64 -26.69
CA ALA F 152 -4.63 -0.83 -25.85
C ALA F 152 -4.19 0.63 -25.70
N GLN F 153 -5.12 1.48 -25.27
CA GLN F 153 -4.86 2.90 -25.09
C GLN F 153 -4.02 3.22 -23.85
ZN ZN G . 6.64 -12.73 3.06
ZN ZN H . 17.17 -4.51 40.33
ZN ZN I . 11.33 12.00 -5.85
ZN ZN J . -11.19 23.34 25.23
ZN ZN K . -11.86 5.95 -41.67
ZN ZN L . 4.23 -24.13 -21.10
#